data_4CKP
#
_entry.id   4CKP
#
_cell.length_a   482.681
_cell.length_b   482.681
_cell.length_c   43.129
_cell.angle_alpha   90.00
_cell.angle_beta   90.00
_cell.angle_gamma   120.00
#
_symmetry.space_group_name_H-M   'H 3'
#
_entity_poly.entity_id   1
_entity_poly.type   'polypeptide(L)'
_entity_poly.pdbx_seq_one_letter_code
;GPHMEAVESGVAPPPAVRTARTDLPALASPKHSAEEPQTLLETTVMVSTKMPPHEPQVRPLGVYVRTGRGGPNGVTRVVL
VRLTDPTDPFFLFELELLEDDYNAFKQHLELLVDFHGFPRYLVGMLRDIADGASAYELSFVLNSAAVGDSNRGTLRVLET
TDFKTVEHISLVLLRQGDAGLKRYLAERFQHYEQSFRASEASRAVITAELQEKIGDLQAANDALRA
;
_entity_poly.pdbx_strand_id   A,B,C,D,E,F
#
# COMPACT_ATOMS: atom_id res chain seq x y z
N GLU A 35 -14.59 -62.80 64.77
CA GLU A 35 -15.38 -61.61 64.55
C GLU A 35 -14.70 -60.40 65.16
N GLU A 36 -13.98 -59.60 64.38
CA GLU A 36 -13.46 -58.42 65.08
C GLU A 36 -14.50 -57.26 65.22
N PRO A 37 -14.97 -56.56 64.13
CA PRO A 37 -15.91 -55.52 64.59
C PRO A 37 -17.22 -56.01 65.23
N GLN A 38 -17.85 -55.30 66.14
CA GLN A 38 -19.08 -55.82 66.80
C GLN A 38 -19.85 -54.61 67.33
N THR A 39 -21.10 -54.42 66.92
CA THR A 39 -21.96 -53.43 67.56
C THR A 39 -22.53 -54.06 68.83
N LEU A 40 -22.14 -53.59 70.00
CA LEU A 40 -22.71 -54.14 71.22
C LEU A 40 -24.02 -53.48 71.62
N LEU A 41 -24.26 -52.28 71.11
CA LEU A 41 -25.43 -51.52 71.51
C LEU A 41 -25.72 -50.40 70.52
N GLU A 42 -26.99 -50.25 70.19
CA GLU A 42 -27.48 -49.21 69.30
C GLU A 42 -28.94 -48.99 69.60
N THR A 43 -29.22 -47.98 70.43
CA THR A 43 -30.56 -47.78 70.93
C THR A 43 -30.77 -46.33 71.32
N THR A 44 -31.98 -46.00 71.72
CA THR A 44 -32.33 -44.65 72.15
C THR A 44 -32.64 -44.66 73.63
N VAL A 45 -32.34 -43.56 74.31
CA VAL A 45 -32.58 -43.46 75.75
C VAL A 45 -32.69 -42.00 76.17
N MET A 46 -33.57 -41.75 77.14
CA MET A 46 -33.77 -40.41 77.66
C MET A 46 -32.51 -40.09 78.43
N VAL A 47 -32.00 -38.88 78.21
CA VAL A 47 -30.76 -38.44 78.80
C VAL A 47 -30.95 -37.01 79.30
N SER A 48 -30.46 -36.76 80.50
CA SER A 48 -30.50 -35.43 81.06
C SER A 48 -29.35 -34.62 80.52
N THR A 49 -29.66 -33.67 79.64
CA THR A 49 -28.61 -32.94 78.97
C THR A 49 -28.63 -31.54 79.51
N LYS A 50 -27.45 -30.98 79.67
CA LYS A 50 -27.30 -29.72 80.38
C LYS A 50 -26.27 -28.95 79.60
N MET A 51 -26.61 -27.74 79.17
CA MET A 51 -25.64 -26.89 78.51
C MET A 51 -25.41 -25.67 79.38
N PRO A 52 -24.49 -25.78 80.35
CA PRO A 52 -24.18 -24.74 81.33
C PRO A 52 -23.85 -23.38 80.72
N PRO A 53 -24.39 -22.30 81.29
CA PRO A 53 -25.11 -22.32 82.58
C PRO A 53 -26.62 -22.54 82.42
N HIS A 54 -27.11 -22.74 81.20
CA HIS A 54 -28.55 -22.96 80.96
C HIS A 54 -29.11 -24.10 81.78
N GLU A 55 -30.43 -24.09 81.94
CA GLU A 55 -31.12 -25.16 82.66
C GLU A 55 -31.13 -26.43 81.82
N PRO A 56 -30.93 -27.59 82.48
CA PRO A 56 -30.98 -28.91 81.83
C PRO A 56 -32.31 -29.26 81.17
N GLN A 57 -32.25 -30.15 80.17
CA GLN A 57 -33.46 -30.73 79.62
C GLN A 57 -33.29 -32.18 79.18
N VAL A 58 -34.32 -32.97 79.48
CA VAL A 58 -34.38 -34.37 79.13
C VAL A 58 -34.67 -34.49 77.65
N ARG A 59 -33.85 -35.25 76.92
CA ARG A 59 -34.02 -35.43 75.48
C ARG A 59 -33.84 -36.89 75.14
N PRO A 60 -34.45 -37.34 74.05
CA PRO A 60 -34.08 -38.67 73.62
C PRO A 60 -32.77 -38.61 72.85
N LEU A 61 -31.83 -39.48 73.21
CA LEU A 61 -30.54 -39.47 72.54
C LEU A 61 -30.20 -40.86 72.03
N GLY A 62 -29.43 -40.90 70.95
CA GLY A 62 -28.93 -42.15 70.46
C GLY A 62 -27.67 -42.56 71.19
N VAL A 63 -27.56 -43.84 71.49
CA VAL A 63 -26.40 -44.38 72.18
C VAL A 63 -25.98 -45.57 71.36
N TYR A 64 -24.72 -45.58 70.97
CA TYR A 64 -24.23 -46.63 70.12
C TYR A 64 -22.89 -47.07 70.71
N VAL A 65 -22.70 -48.37 70.90
CA VAL A 65 -21.44 -48.85 71.46
C VAL A 65 -20.92 -50.06 70.69
N ARG A 66 -19.70 -49.94 70.18
CA ARG A 66 -19.20 -50.89 69.17
C ARG A 66 -17.73 -51.21 69.45
N THR A 67 -17.38 -52.49 69.39
CA THR A 67 -15.97 -52.88 69.49
C THR A 67 -15.44 -53.22 68.10
N GLY A 68 -14.13 -53.22 67.95
CA GLY A 68 -13.51 -53.37 66.65
C GLY A 68 -12.03 -53.03 66.68
N ARG A 69 -11.50 -52.63 65.53
CA ARG A 69 -10.07 -52.37 65.38
C ARG A 69 -9.80 -50.92 65.00
N GLY A 70 -8.76 -50.35 65.59
CA GLY A 70 -8.33 -49.00 65.29
C GLY A 70 -6.94 -48.66 65.82
N GLY A 71 -6.71 -47.38 66.07
CA GLY A 71 -5.44 -46.91 66.59
C GLY A 71 -4.45 -46.46 65.54
N PRO A 72 -3.27 -46.01 65.96
CA PRO A 72 -2.21 -45.51 65.08
C PRO A 72 -2.04 -46.40 63.84
N ASN A 73 -1.82 -47.68 64.08
CA ASN A 73 -1.57 -48.60 62.98
C ASN A 73 -2.79 -49.46 62.62
N GLY A 74 -3.95 -49.09 63.16
CA GLY A 74 -5.20 -49.76 62.85
C GLY A 74 -5.30 -51.25 63.14
N VAL A 75 -4.49 -51.78 64.06
CA VAL A 75 -4.64 -53.18 64.46
C VAL A 75 -4.77 -53.35 65.97
N THR A 76 -5.00 -52.26 66.68
CA THR A 76 -5.30 -52.29 68.10
C THR A 76 -6.82 -52.40 68.36
N ARG A 77 -7.22 -53.28 69.28
CA ARG A 77 -8.62 -53.30 69.76
C ARG A 77 -9.09 -52.00 70.39
N VAL A 78 -10.27 -51.58 69.95
CA VAL A 78 -10.92 -50.40 70.48
C VAL A 78 -12.34 -50.67 70.99
N VAL A 79 -12.72 -49.86 71.97
CA VAL A 79 -14.12 -49.70 72.39
C VAL A 79 -14.58 -48.32 72.02
N LEU A 80 -15.73 -48.26 71.36
CA LEU A 80 -16.34 -47.00 70.97
C LEU A 80 -17.69 -46.79 71.66
N VAL A 81 -17.88 -45.60 72.18
CA VAL A 81 -19.14 -45.16 72.77
C VAL A 81 -19.58 -43.95 71.95
N ARG A 82 -20.79 -44.00 71.42
CA ARG A 82 -21.30 -42.94 70.55
C ARG A 82 -22.62 -42.40 71.04
N LEU A 83 -22.70 -41.08 71.08
CA LEU A 83 -23.85 -40.35 71.58
C LEU A 83 -24.34 -39.48 70.44
N THR A 84 -25.63 -39.58 70.14
CA THR A 84 -26.19 -38.91 68.99
C THR A 84 -27.49 -38.27 69.44
N ASP A 85 -28.04 -37.41 68.58
CA ASP A 85 -29.28 -36.72 68.83
C ASP A 85 -30.09 -36.83 67.55
N PRO A 86 -31.18 -37.62 67.60
CA PRO A 86 -31.98 -37.85 66.39
C PRO A 86 -32.51 -36.56 65.81
N THR A 87 -32.69 -35.55 66.65
CA THR A 87 -33.15 -34.24 66.22
C THR A 87 -32.05 -33.34 65.64
N ASP A 88 -30.80 -33.79 65.67
CA ASP A 88 -29.66 -32.95 65.25
C ASP A 88 -28.50 -33.76 64.67
N PRO A 89 -28.35 -33.76 63.35
CA PRO A 89 -27.30 -34.58 62.74
C PRO A 89 -25.89 -34.15 63.14
N PHE A 90 -25.70 -32.89 63.50
CA PHE A 90 -24.39 -32.38 63.90
C PHE A 90 -24.02 -32.71 65.36
N PHE A 91 -25.02 -33.12 66.12
CA PHE A 91 -24.80 -33.56 67.49
C PHE A 91 -24.21 -34.95 67.48
N LEU A 92 -22.89 -34.99 67.56
CA LEU A 92 -22.14 -36.22 67.39
C LEU A 92 -20.87 -36.26 68.22
N PHE A 93 -20.93 -37.09 69.26
CA PHE A 93 -19.92 -37.14 70.30
C PHE A 93 -19.59 -38.61 70.44
N GLU A 94 -18.32 -38.87 70.66
CA GLU A 94 -17.79 -40.21 70.64
C GLU A 94 -16.74 -40.38 71.71
N LEU A 95 -16.69 -41.57 72.28
CA LEU A 95 -15.50 -41.92 73.03
C LEU A 95 -14.94 -43.16 72.37
N GLU A 96 -13.70 -43.03 71.93
CA GLU A 96 -12.93 -44.15 71.41
C GLU A 96 -11.80 -44.40 72.39
N LEU A 97 -11.71 -45.63 72.82
CA LEU A 97 -10.76 -46.07 73.82
C LEU A 97 -9.89 -47.19 73.30
N LEU A 98 -8.57 -47.01 73.34
CA LEU A 98 -7.69 -48.04 72.83
C LEU A 98 -7.27 -48.96 73.95
N GLU A 99 -7.13 -50.24 73.63
CA GLU A 99 -6.77 -51.24 74.63
C GLU A 99 -5.43 -50.89 75.30
N ASP A 100 -4.53 -50.25 74.54
CA ASP A 100 -3.25 -49.84 75.11
C ASP A 100 -3.39 -48.79 76.22
N ASP A 101 -4.36 -47.88 76.05
CA ASP A 101 -4.58 -46.81 77.01
C ASP A 101 -5.38 -47.26 78.24
N TYR A 102 -5.85 -48.50 78.20
CA TYR A 102 -6.87 -49.01 79.13
C TYR A 102 -6.51 -49.20 80.60
N ASN A 103 -5.30 -49.67 80.87
CA ASN A 103 -4.89 -49.89 82.26
C ASN A 103 -5.07 -48.60 83.08
N ALA A 104 -4.79 -47.45 82.44
CA ALA A 104 -4.95 -46.13 83.07
C ALA A 104 -6.43 -45.86 83.31
N PHE A 105 -7.23 -46.16 82.29
CA PHE A 105 -8.67 -46.00 82.30
C PHE A 105 -9.24 -46.77 83.49
N LYS A 106 -8.81 -48.02 83.62
CA LYS A 106 -9.26 -48.92 84.69
C LYS A 106 -8.96 -48.39 86.08
N GLN A 107 -7.77 -47.80 86.24
CA GLN A 107 -7.35 -47.21 87.50
C GLN A 107 -8.10 -45.94 87.85
N HIS A 108 -8.23 -45.05 86.87
CA HIS A 108 -8.89 -43.77 87.07
C HIS A 108 -10.36 -43.97 87.45
N LEU A 109 -11.00 -44.97 86.86
CA LEU A 109 -12.41 -45.18 87.10
C LEU A 109 -12.71 -46.28 88.10
N GLU A 110 -11.66 -46.92 88.62
CA GLU A 110 -11.79 -48.03 89.56
C GLU A 110 -12.63 -49.19 89.04
N LEU A 111 -12.38 -49.59 87.79
CA LEU A 111 -13.07 -50.70 87.16
C LEU A 111 -12.47 -52.02 87.65
N LEU A 112 -13.25 -53.09 87.57
CA LEU A 112 -12.81 -54.38 88.10
C LEU A 112 -12.93 -55.48 87.03
N VAL A 113 -13.02 -55.05 85.78
CA VAL A 113 -13.01 -55.97 84.65
C VAL A 113 -11.92 -55.64 83.64
N ASP A 114 -11.64 -56.59 82.76
CA ASP A 114 -10.63 -56.43 81.73
C ASP A 114 -11.21 -55.69 80.53
N PHE A 115 -10.38 -55.48 79.50
CA PHE A 115 -10.79 -54.68 78.36
C PHE A 115 -12.00 -55.34 77.71
N HIS A 116 -12.06 -56.66 77.72
CA HIS A 116 -13.17 -57.37 77.10
C HIS A 116 -14.52 -57.24 77.80
N GLY A 117 -14.50 -57.27 79.14
CA GLY A 117 -15.74 -57.14 79.88
C GLY A 117 -16.27 -55.74 80.00
N PHE A 118 -15.39 -54.75 79.90
CA PHE A 118 -15.79 -53.37 80.17
C PHE A 118 -16.96 -52.93 79.28
N PRO A 119 -16.80 -53.04 77.94
CA PRO A 119 -17.93 -52.63 77.10
C PRO A 119 -19.13 -53.56 77.26
N ARG A 120 -18.89 -54.78 77.73
CA ARG A 120 -19.97 -55.73 77.89
C ARG A 120 -20.83 -55.32 79.07
N TYR A 121 -20.15 -54.92 80.15
CA TYR A 121 -20.84 -54.40 81.32
C TYR A 121 -21.40 -53.00 81.12
N LEU A 122 -20.70 -52.15 80.37
CA LEU A 122 -21.18 -50.80 80.10
C LEU A 122 -22.52 -50.93 79.40
N VAL A 123 -22.58 -51.82 78.41
CA VAL A 123 -23.78 -51.93 77.59
C VAL A 123 -24.86 -52.60 78.46
N GLY A 124 -24.42 -53.51 79.32
CA GLY A 124 -25.28 -54.10 80.33
C GLY A 124 -26.00 -53.02 81.12
N MET A 125 -25.20 -52.06 81.59
CA MET A 125 -25.65 -50.94 82.40
C MET A 125 -26.58 -50.03 81.59
N LEU A 126 -26.16 -49.68 80.38
CA LEU A 126 -26.92 -48.76 79.55
C LEU A 126 -28.23 -49.41 79.11
N ARG A 127 -28.18 -50.68 78.74
CA ARG A 127 -29.39 -51.38 78.32
C ARG A 127 -30.40 -51.54 79.43
N ASP A 128 -29.91 -51.78 80.63
CA ASP A 128 -30.76 -51.80 81.79
C ASP A 128 -31.54 -50.48 81.89
N ILE A 129 -30.89 -49.34 81.63
CA ILE A 129 -31.59 -48.06 81.69
C ILE A 129 -32.61 -47.82 80.57
N ALA A 130 -32.21 -48.09 79.33
CA ALA A 130 -33.11 -47.90 78.19
C ALA A 130 -34.32 -48.83 78.20
N ASP A 131 -34.11 -50.04 78.69
CA ASP A 131 -35.18 -51.03 78.81
C ASP A 131 -36.12 -50.80 79.98
N GLY A 132 -35.72 -49.94 80.91
CA GLY A 132 -36.54 -49.71 82.08
C GLY A 132 -36.29 -50.70 83.20
N ALA A 133 -35.28 -51.56 83.07
CA ALA A 133 -35.02 -52.50 84.14
C ALA A 133 -34.08 -51.92 85.18
N SER A 134 -33.65 -50.68 84.96
CA SER A 134 -32.64 -50.09 85.84
C SER A 134 -33.30 -49.01 86.68
N ALA A 135 -32.83 -48.85 87.91
CA ALA A 135 -33.17 -47.70 88.75
C ALA A 135 -32.40 -46.45 88.38
N TYR A 136 -31.37 -46.60 87.56
CA TYR A 136 -30.45 -45.50 87.24
C TYR A 136 -30.87 -44.56 86.12
N GLU A 137 -30.26 -43.38 86.13
CA GLU A 137 -30.44 -42.37 85.08
C GLU A 137 -29.16 -41.91 84.37
N LEU A 138 -29.35 -41.36 83.16
CA LEU A 138 -28.30 -40.81 82.31
C LEU A 138 -28.20 -39.28 82.29
N SER A 139 -26.98 -38.76 82.40
CA SER A 139 -26.70 -37.33 82.36
C SER A 139 -25.54 -36.99 81.42
N PHE A 140 -25.66 -35.87 80.71
CA PHE A 140 -24.61 -35.41 79.80
C PHE A 140 -24.33 -33.92 79.92
N VAL A 141 -23.16 -33.53 80.43
CA VAL A 141 -22.88 -32.12 80.63
C VAL A 141 -21.81 -31.53 79.69
N LEU A 142 -22.23 -30.61 78.83
CA LEU A 142 -21.33 -29.91 77.91
C LEU A 142 -20.49 -28.81 78.56
N ASN A 143 -19.35 -28.52 77.95
CA ASN A 143 -18.44 -27.48 78.42
C ASN A 143 -18.85 -26.07 77.95
N SER A 144 -20.02 -25.94 77.31
CA SER A 144 -20.58 -24.62 77.01
C SER A 144 -22.11 -24.58 76.87
N ALA A 145 -22.61 -23.40 76.53
CA ALA A 145 -24.04 -23.08 76.53
C ALA A 145 -24.78 -23.52 75.26
N ALA A 146 -24.03 -23.80 74.20
CA ALA A 146 -24.59 -24.31 72.96
C ALA A 146 -23.85 -25.55 72.45
N VAL A 147 -24.56 -26.37 71.67
CA VAL A 147 -23.98 -27.58 71.10
C VAL A 147 -22.87 -27.16 70.13
N GLY A 148 -23.13 -26.06 69.43
CA GLY A 148 -22.21 -25.46 68.49
C GLY A 148 -20.90 -24.93 69.06
N ASP A 149 -20.91 -24.55 70.33
CA ASP A 149 -19.73 -24.00 71.02
C ASP A 149 -18.92 -25.01 71.84
N SER A 150 -19.47 -26.19 72.05
CA SER A 150 -18.77 -27.25 72.79
C SER A 150 -17.77 -28.05 71.96
N ASN A 151 -16.80 -28.65 72.65
CA ASN A 151 -15.93 -29.65 72.05
C ASN A 151 -15.87 -30.96 72.85
N ARG A 152 -16.71 -31.05 73.87
CA ARG A 152 -16.75 -32.23 74.74
C ARG A 152 -17.94 -32.18 75.68
N GLY A 153 -18.22 -33.33 76.28
CA GLY A 153 -19.31 -33.47 77.21
C GLY A 153 -18.96 -34.60 78.16
N THR A 154 -19.55 -34.58 79.35
CA THR A 154 -19.30 -35.63 80.32
C THR A 154 -20.59 -36.42 80.48
N LEU A 155 -20.52 -37.71 80.20
CA LEU A 155 -21.68 -38.60 80.30
C LEU A 155 -21.64 -39.39 81.61
N ARG A 156 -22.70 -39.30 82.40
CA ARG A 156 -22.71 -39.93 83.71
C ARG A 156 -23.94 -40.82 83.90
N VAL A 157 -23.71 -41.94 84.56
CA VAL A 157 -24.78 -42.81 85.06
C VAL A 157 -25.01 -42.54 86.54
N LEU A 158 -26.19 -42.02 86.85
CA LEU A 158 -26.44 -41.50 88.19
C LEU A 158 -27.51 -42.30 88.92
N GLU A 159 -27.25 -42.54 90.21
CA GLU A 159 -28.19 -43.15 91.12
C GLU A 159 -28.70 -42.11 92.09
N THR A 160 -30.02 -42.01 92.18
CA THR A 160 -30.65 -41.19 93.19
C THR A 160 -30.92 -41.99 94.46
N THR A 161 -30.48 -41.46 95.59
CA THR A 161 -30.82 -42.03 96.89
C THR A 161 -31.50 -40.94 97.69
N ASP A 162 -32.03 -41.31 98.84
CA ASP A 162 -32.65 -40.30 99.69
C ASP A 162 -31.56 -39.33 100.13
N PHE A 163 -30.39 -39.88 100.44
CA PHE A 163 -29.25 -39.11 100.93
C PHE A 163 -28.61 -38.21 99.86
N LYS A 164 -28.38 -38.75 98.66
CA LYS A 164 -27.58 -38.05 97.66
C LYS A 164 -27.61 -38.73 96.29
N THR A 165 -27.18 -38.00 95.26
CA THR A 165 -26.85 -38.62 93.97
C THR A 165 -25.55 -39.43 94.09
N VAL A 166 -25.57 -40.69 93.65
CA VAL A 166 -24.35 -41.50 93.64
C VAL A 166 -23.87 -41.81 92.23
N GLU A 167 -22.63 -41.42 91.91
CA GLU A 167 -22.14 -41.59 90.54
C GLU A 167 -21.57 -43.00 90.39
N HIS A 168 -22.08 -43.74 89.42
CA HIS A 168 -21.60 -45.07 89.08
C HIS A 168 -20.52 -45.15 88.01
N ILE A 169 -20.64 -44.33 86.98
CA ILE A 169 -19.58 -44.22 85.99
C ILE A 169 -19.63 -42.90 85.23
N SER A 170 -18.47 -42.49 84.73
CA SER A 170 -18.36 -41.23 84.00
C SER A 170 -17.43 -41.40 82.81
N LEU A 171 -17.86 -40.85 81.67
CA LEU A 171 -17.14 -41.00 80.42
C LEU A 171 -17.19 -39.67 79.70
N VAL A 172 -16.03 -39.16 79.28
CA VAL A 172 -15.99 -37.94 78.50
C VAL A 172 -16.03 -38.23 77.01
N LEU A 173 -16.88 -37.52 76.28
CA LEU A 173 -16.99 -37.75 74.85
C LEU A 173 -16.64 -36.47 74.10
N LEU A 174 -15.82 -36.57 73.05
CA LEU A 174 -15.43 -35.39 72.29
C LEU A 174 -16.35 -35.16 71.10
N ARG A 175 -16.74 -33.90 70.85
CA ARG A 175 -17.53 -33.59 69.66
C ARG A 175 -16.64 -33.84 68.44
N GLN A 176 -17.21 -34.39 67.37
CA GLN A 176 -16.41 -34.73 66.20
C GLN A 176 -16.10 -33.54 65.29
N GLY A 177 -14.98 -33.64 64.60
CA GLY A 177 -14.58 -32.70 63.56
C GLY A 177 -15.34 -32.99 62.28
N ASP A 178 -15.40 -31.99 61.39
CA ASP A 178 -16.25 -32.05 60.21
C ASP A 178 -16.03 -33.31 59.38
N ALA A 179 -14.77 -33.61 59.07
CA ALA A 179 -14.44 -34.79 58.28
C ALA A 179 -14.93 -36.06 58.95
N GLY A 180 -14.71 -36.17 60.26
CA GLY A 180 -15.21 -37.27 61.05
C GLY A 180 -16.72 -37.36 60.96
N LEU A 181 -17.36 -36.20 61.11
CA LEU A 181 -18.82 -36.12 61.03
C LEU A 181 -19.38 -36.50 59.66
N LYS A 182 -18.74 -36.05 58.58
CA LYS A 182 -19.22 -36.41 57.25
C LYS A 182 -19.29 -37.92 57.09
N ARG A 183 -18.29 -38.62 57.59
CA ARG A 183 -18.30 -40.07 57.54
C ARG A 183 -19.50 -40.64 58.27
N TYR A 184 -19.75 -40.14 59.47
CA TYR A 184 -20.91 -40.59 60.25
C TYR A 184 -22.19 -40.44 59.45
N LEU A 185 -22.35 -39.28 58.86
CA LEU A 185 -23.54 -38.97 58.09
C LEU A 185 -23.60 -39.92 56.90
N ALA A 186 -22.56 -39.94 56.09
CA ALA A 186 -22.46 -40.85 54.97
C ALA A 186 -22.62 -42.31 55.37
N GLU A 187 -22.04 -42.69 56.51
CA GLU A 187 -22.09 -44.08 56.99
C GLU A 187 -23.53 -44.50 57.26
N ARG A 188 -24.22 -43.73 58.08
CA ARG A 188 -25.62 -44.00 58.38
C ARG A 188 -26.50 -43.81 57.15
N PHE A 189 -26.11 -42.89 56.27
CA PHE A 189 -26.79 -42.68 55.00
C PHE A 189 -26.97 -43.97 54.23
N GLN A 190 -25.85 -44.60 53.88
CA GLN A 190 -25.88 -45.78 53.02
C GLN A 190 -26.63 -46.91 53.72
N HIS A 191 -26.48 -46.99 55.05
CA HIS A 191 -27.13 -48.04 55.84
C HIS A 191 -28.64 -48.05 55.60
N TYR A 192 -29.28 -46.94 55.92
CA TYR A 192 -30.74 -46.90 55.87
C TYR A 192 -31.23 -46.92 54.43
N GLU A 193 -30.38 -46.53 53.47
CA GLU A 193 -30.77 -46.70 52.07
C GLU A 193 -30.86 -48.19 51.75
N GLN A 194 -29.85 -48.96 52.18
CA GLN A 194 -29.86 -50.40 51.97
C GLN A 194 -31.05 -51.02 52.70
N SER A 195 -31.25 -50.61 53.95
CA SER A 195 -32.33 -51.12 54.76
C SER A 195 -33.70 -50.87 54.14
N PHE A 196 -33.86 -49.74 53.44
CA PHE A 196 -35.09 -49.43 52.73
C PHE A 196 -35.31 -50.41 51.58
N ARG A 197 -34.27 -50.57 50.75
CA ARG A 197 -34.30 -51.50 49.62
C ARG A 197 -34.62 -52.92 50.08
N ALA A 198 -34.03 -53.33 51.20
CA ALA A 198 -34.26 -54.64 51.78
C ALA A 198 -35.71 -54.84 52.21
N SER A 199 -36.34 -53.77 52.70
CA SER A 199 -37.74 -53.82 53.12
C SER A 199 -38.70 -53.84 51.94
N GLU A 200 -38.27 -53.32 50.80
CA GLU A 200 -38.99 -53.52 49.54
C GLU A 200 -38.84 -54.98 49.14
N ALA A 201 -37.67 -55.54 49.40
CA ALA A 201 -37.40 -56.94 49.11
C ALA A 201 -38.24 -57.88 49.98
N SER A 202 -38.34 -57.59 51.27
CA SER A 202 -39.16 -58.39 52.16
C SER A 202 -40.67 -58.30 51.85
N ARG A 203 -41.15 -57.08 51.60
CA ARG A 203 -42.55 -56.87 51.25
C ARG A 203 -42.92 -57.55 49.93
N ALA A 204 -42.02 -57.45 48.95
CA ALA A 204 -42.24 -58.06 47.64
C ALA A 204 -42.32 -59.58 47.77
N VAL A 205 -41.55 -60.12 48.71
CA VAL A 205 -41.57 -61.57 48.97
C VAL A 205 -42.92 -62.03 49.52
N ILE A 206 -43.40 -61.35 50.55
CA ILE A 206 -44.62 -61.77 51.23
C ILE A 206 -45.93 -61.48 50.47
N THR A 207 -46.00 -60.34 49.79
CA THR A 207 -47.18 -60.00 48.98
C THR A 207 -47.43 -60.97 47.83
N ALA A 208 -46.36 -61.46 47.22
CA ALA A 208 -46.45 -62.31 46.04
C ALA A 208 -46.81 -63.73 46.42
N GLU A 209 -46.24 -64.22 47.52
CA GLU A 209 -46.56 -65.53 48.04
C GLU A 209 -48.04 -65.57 48.41
N LEU A 210 -48.44 -64.57 49.19
CA LEU A 210 -49.79 -64.51 49.75
C LEU A 210 -50.79 -63.96 48.73
N GLU B 35 -45.19 -22.23 42.88
CA GLU B 35 -45.69 -23.31 43.75
C GLU B 35 -44.94 -23.43 45.08
N GLU B 36 -44.75 -24.69 45.44
CA GLU B 36 -43.91 -25.12 46.54
C GLU B 36 -42.74 -25.69 45.78
N PRO B 37 -41.58 -25.89 46.43
CA PRO B 37 -40.43 -26.37 45.66
C PRO B 37 -40.77 -27.73 45.04
N GLN B 38 -40.12 -28.09 43.94
CA GLN B 38 -40.50 -29.29 43.18
C GLN B 38 -39.30 -29.83 42.43
N THR B 39 -39.07 -31.12 42.67
CA THR B 39 -38.14 -31.94 41.93
C THR B 39 -38.76 -32.39 40.61
N LEU B 40 -38.16 -31.90 39.52
CA LEU B 40 -38.55 -32.23 38.17
C LEU B 40 -37.85 -33.51 37.73
N LEU B 41 -36.78 -33.87 38.42
CA LEU B 41 -35.97 -35.01 38.01
C LEU B 41 -35.06 -35.46 39.13
N GLU B 42 -35.02 -36.77 39.31
CA GLU B 42 -34.18 -37.43 40.29
C GLU B 42 -33.93 -38.84 39.82
N THR B 43 -32.80 -39.07 39.15
CA THR B 43 -32.57 -40.35 38.50
C THR B 43 -31.09 -40.65 38.30
N THR B 44 -30.83 -41.85 37.79
CA THR B 44 -29.46 -42.27 37.52
C THR B 44 -29.27 -42.41 36.01
N VAL B 45 -28.07 -42.15 35.53
CA VAL B 45 -27.77 -42.21 34.10
C VAL B 45 -26.28 -42.43 33.84
N MET B 46 -25.96 -43.19 32.81
CA MET B 46 -24.57 -43.45 32.47
C MET B 46 -23.97 -42.16 31.94
N VAL B 47 -22.77 -41.82 32.41
CA VAL B 47 -22.10 -40.58 32.06
C VAL B 47 -20.61 -40.81 31.79
N SER B 48 -20.13 -40.20 30.71
CA SER B 48 -18.71 -40.25 30.39
C SER B 48 -18.03 -39.21 31.24
N THR B 49 -17.30 -39.66 32.25
CA THR B 49 -16.73 -38.73 33.21
C THR B 49 -15.26 -38.73 32.96
N LYS B 50 -14.63 -37.57 33.09
CA LYS B 50 -13.26 -37.46 32.65
C LYS B 50 -12.49 -36.63 33.64
N MET B 51 -11.41 -37.18 34.16
CA MET B 51 -10.54 -36.40 35.02
C MET B 51 -9.17 -36.23 34.37
N PRO B 52 -9.03 -35.21 33.53
CA PRO B 52 -7.80 -34.95 32.77
C PRO B 52 -6.57 -34.85 33.68
N PRO B 53 -5.44 -35.46 33.27
CA PRO B 53 -5.24 -36.07 31.95
C PRO B 53 -5.64 -37.54 31.85
N HIS B 54 -6.17 -38.13 32.92
CA HIS B 54 -6.58 -39.55 32.89
C HIS B 54 -7.55 -39.80 31.75
N GLU B 55 -7.66 -41.06 31.37
CA GLU B 55 -8.60 -41.47 30.34
C GLU B 55 -10.00 -41.39 30.94
N PRO B 56 -10.99 -40.94 30.15
CA PRO B 56 -12.37 -40.87 30.62
C PRO B 56 -12.89 -42.23 31.06
N GLN B 57 -13.90 -42.16 31.92
CA GLN B 57 -14.62 -43.34 32.29
C GLN B 57 -16.12 -43.22 32.55
N VAL B 58 -16.84 -44.22 32.05
CA VAL B 58 -18.29 -44.32 32.19
C VAL B 58 -18.69 -44.79 33.60
N ARG B 59 -19.58 -44.04 34.25
CA ARG B 59 -20.04 -44.36 35.59
C ARG B 59 -21.54 -44.19 35.73
N PRO B 60 -22.15 -44.92 36.67
CA PRO B 60 -23.54 -44.53 36.88
C PRO B 60 -23.55 -43.30 37.77
N LEU B 61 -24.29 -42.27 37.39
CA LEU B 61 -24.33 -41.05 38.18
C LEU B 61 -25.75 -40.62 38.51
N GLY B 62 -25.89 -39.96 39.65
CA GLY B 62 -27.14 -39.35 40.06
C GLY B 62 -27.37 -37.98 39.45
N VAL B 63 -28.61 -37.71 39.05
CA VAL B 63 -28.95 -36.42 38.48
C VAL B 63 -30.19 -35.99 39.22
N TYR B 64 -30.15 -34.79 39.80
CA TYR B 64 -31.27 -34.33 40.58
C TYR B 64 -31.51 -32.88 40.14
N VAL B 65 -32.75 -32.53 39.84
CA VAL B 65 -33.06 -31.17 39.40
C VAL B 65 -34.31 -30.61 40.09
N ARG B 66 -34.15 -29.47 40.76
CA ARG B 66 -35.16 -28.97 41.70
C ARG B 66 -35.33 -27.45 41.56
N THR B 67 -36.58 -27.01 41.53
CA THR B 67 -36.91 -25.58 41.57
C THR B 67 -37.41 -25.20 42.97
N GLY B 68 -37.39 -23.91 43.28
CA GLY B 68 -37.67 -23.47 44.64
C GLY B 68 -37.32 -22.02 44.90
N ARG B 69 -37.07 -21.69 46.16
CA ARG B 69 -36.83 -20.30 46.53
C ARG B 69 -35.43 -20.20 47.12
N GLY B 70 -34.69 -19.14 46.79
CA GLY B 70 -33.37 -18.95 47.37
C GLY B 70 -32.81 -17.57 47.14
N GLY B 71 -31.48 -17.45 47.15
CA GLY B 71 -30.82 -16.19 46.90
C GLY B 71 -30.57 -15.44 48.20
N PRO B 72 -29.94 -14.26 48.11
CA PRO B 72 -29.61 -13.43 49.27
C PRO B 72 -30.74 -13.35 50.30
N ASN B 73 -31.92 -12.93 49.85
CA ASN B 73 -33.05 -12.76 50.75
C ASN B 73 -34.07 -13.89 50.72
N GLY B 74 -33.72 -15.01 50.07
CA GLY B 74 -34.63 -16.15 50.04
C GLY B 74 -35.99 -15.90 49.43
N VAL B 75 -36.12 -14.91 48.55
CA VAL B 75 -37.38 -14.73 47.83
C VAL B 75 -37.19 -14.71 46.32
N THR B 76 -36.01 -15.11 45.88
CA THR B 76 -35.73 -15.30 44.47
C THR B 76 -36.06 -16.73 44.02
N ARG B 77 -36.75 -16.88 42.89
CA ARG B 77 -36.92 -18.17 42.23
C ARG B 77 -35.58 -18.81 41.81
N VAL B 78 -35.37 -20.08 42.13
CA VAL B 78 -34.16 -20.80 41.72
C VAL B 78 -34.36 -22.11 40.94
N VAL B 79 -33.38 -22.41 40.10
CA VAL B 79 -33.19 -23.74 39.52
C VAL B 79 -31.92 -24.39 40.05
N LEU B 80 -32.04 -25.62 40.52
CA LEU B 80 -30.91 -26.38 41.01
C LEU B 80 -30.64 -27.63 40.17
N VAL B 81 -29.38 -27.82 39.84
CA VAL B 81 -28.89 -29.01 39.16
C VAL B 81 -27.88 -29.68 40.07
N ARG B 82 -28.10 -30.97 40.36
CA ARG B 82 -27.25 -31.71 41.29
C ARG B 82 -26.71 -33.00 40.68
N LEU B 83 -25.42 -33.22 40.85
CA LEU B 83 -24.73 -34.37 40.30
C LEU B 83 -24.05 -35.20 41.39
N THR B 84 -24.34 -36.50 41.40
CA THR B 84 -23.85 -37.38 42.47
C THR B 84 -23.33 -38.68 41.88
N ASP B 85 -22.65 -39.46 42.70
CA ASP B 85 -22.10 -40.75 42.31
C ASP B 85 -22.46 -41.69 43.45
N PRO B 86 -23.36 -42.65 43.19
CA PRO B 86 -23.83 -43.54 44.25
C PRO B 86 -22.71 -44.31 44.93
N THR B 87 -21.62 -44.51 44.21
CA THR B 87 -20.46 -45.20 44.78
C THR B 87 -19.57 -44.28 45.63
N ASP B 88 -19.92 -42.98 45.69
CA ASP B 88 -19.07 -41.99 46.37
C ASP B 88 -19.91 -40.83 46.96
N PRO B 89 -20.15 -40.85 48.27
CA PRO B 89 -21.00 -39.83 48.92
C PRO B 89 -20.46 -38.40 48.83
N PHE B 90 -19.14 -38.29 48.70
CA PHE B 90 -18.44 -37.02 48.61
C PHE B 90 -18.42 -36.38 47.21
N PHE B 91 -18.80 -37.15 46.21
CA PHE B 91 -18.93 -36.65 44.85
C PHE B 91 -20.20 -35.86 44.71
N LEU B 92 -20.07 -34.55 44.87
CA LEU B 92 -21.24 -33.68 44.94
C LEU B 92 -21.00 -32.30 44.38
N PHE B 93 -21.58 -32.08 43.21
CA PHE B 93 -21.32 -30.90 42.41
C PHE B 93 -22.69 -30.40 42.06
N GLU B 94 -22.83 -29.09 42.06
CA GLU B 94 -24.14 -28.48 41.92
C GLU B 94 -24.08 -27.22 41.09
N LEU B 95 -25.14 -26.99 40.33
CA LEU B 95 -25.33 -25.68 39.79
C LEU B 95 -26.69 -25.21 40.30
N GLU B 96 -26.66 -24.09 41.00
CA GLU B 96 -27.87 -23.41 41.43
C GLU B 96 -27.85 -22.12 40.64
N LEU B 97 -28.96 -21.86 39.98
CA LEU B 97 -29.08 -20.72 39.10
C LEU B 97 -30.25 -19.86 39.52
N LEU B 98 -30.00 -18.57 39.76
CA LEU B 98 -31.05 -17.68 40.21
C LEU B 98 -31.69 -16.95 39.05
N GLU B 99 -33.01 -16.73 39.15
CA GLU B 99 -33.74 -16.08 38.07
C GLU B 99 -33.18 -14.69 37.75
N ASP B 100 -32.65 -14.01 38.77
CA ASP B 100 -32.04 -12.71 38.52
C ASP B 100 -30.83 -12.83 37.61
N ASP B 101 -30.09 -13.93 37.78
CA ASP B 101 -28.89 -14.18 37.01
C ASP B 101 -29.16 -14.75 35.61
N TYR B 102 -30.42 -15.05 35.32
CA TYR B 102 -30.80 -15.86 34.16
C TYR B 102 -30.64 -15.25 32.77
N ASN B 103 -30.93 -13.96 32.64
CA ASN B 103 -30.81 -13.31 31.33
C ASN B 103 -29.40 -13.48 30.73
N ALA B 104 -28.38 -13.43 31.58
CA ALA B 104 -27.01 -13.63 31.13
C ALA B 104 -26.86 -15.07 30.68
N PHE B 105 -27.42 -15.96 31.50
CA PHE B 105 -27.42 -17.38 31.25
C PHE B 105 -28.06 -17.70 29.89
N LYS B 106 -29.24 -17.15 29.64
CA LYS B 106 -29.95 -17.40 28.38
C LYS B 106 -29.19 -16.97 27.14
N GLN B 107 -28.57 -15.80 27.23
CA GLN B 107 -27.78 -15.25 26.14
C GLN B 107 -26.46 -15.99 25.90
N HIS B 108 -25.76 -16.25 27.00
CA HIS B 108 -24.45 -16.89 26.98
C HIS B 108 -24.56 -18.29 26.41
N LEU B 109 -25.65 -18.98 26.71
CA LEU B 109 -25.81 -20.35 26.28
C LEU B 109 -26.71 -20.44 25.05
N GLU B 110 -27.18 -19.27 24.63
CA GLU B 110 -28.10 -19.11 23.49
C GLU B 110 -29.40 -19.92 23.60
N LEU B 111 -30.01 -19.87 24.79
CA LEU B 111 -31.29 -20.54 25.05
C LEU B 111 -32.44 -19.70 24.48
N LEU B 112 -33.57 -20.35 24.18
CA LEU B 112 -34.69 -19.63 23.57
C LEU B 112 -35.99 -19.84 24.33
N VAL B 113 -35.87 -20.26 25.59
CA VAL B 113 -37.01 -20.37 26.49
C VAL B 113 -36.74 -19.55 27.74
N ASP B 114 -37.80 -19.29 28.50
CA ASP B 114 -37.67 -18.51 29.74
C ASP B 114 -37.22 -19.31 30.96
N PHE B 115 -37.10 -18.61 32.10
CA PHE B 115 -36.57 -19.17 33.34
C PHE B 115 -37.48 -20.33 33.71
N HIS B 116 -38.77 -20.20 33.42
CA HIS B 116 -39.72 -21.26 33.76
C HIS B 116 -39.52 -22.48 32.93
N GLY B 117 -39.23 -22.29 31.65
CA GLY B 117 -39.00 -23.38 30.73
C GLY B 117 -37.65 -24.05 30.76
N PHE B 118 -36.63 -23.32 31.22
CA PHE B 118 -35.26 -23.81 31.11
C PHE B 118 -35.11 -25.18 31.81
N PRO B 119 -35.47 -25.27 33.11
CA PRO B 119 -35.32 -26.59 33.73
C PRO B 119 -36.28 -27.62 33.13
N ARG B 120 -37.35 -27.15 32.49
CA ARG B 120 -38.33 -28.07 31.94
C ARG B 120 -37.77 -28.75 30.70
N TYR B 121 -37.12 -27.98 29.84
CA TYR B 121 -36.45 -28.55 28.67
C TYR B 121 -35.16 -29.29 29.02
N LEU B 122 -34.41 -28.79 30.00
CA LEU B 122 -33.18 -29.46 30.41
C LEU B 122 -33.52 -30.87 30.89
N VAL B 123 -34.55 -30.97 31.71
CA VAL B 123 -34.91 -32.24 32.30
C VAL B 123 -35.53 -33.11 31.21
N GLY B 124 -36.26 -32.47 30.31
CA GLY B 124 -36.77 -33.14 29.12
C GLY B 124 -35.64 -33.88 28.43
N MET B 125 -34.56 -33.15 28.19
CA MET B 125 -33.38 -33.68 27.52
C MET B 125 -32.70 -34.79 28.32
N LEU B 126 -32.45 -34.54 29.60
CA LEU B 126 -31.73 -35.49 30.45
C LEU B 126 -32.50 -36.77 30.78
N ARG B 127 -33.77 -36.60 31.07
CA ARG B 127 -34.63 -37.73 31.39
C ARG B 127 -34.85 -38.66 30.22
N ASP B 128 -34.95 -38.04 29.06
CA ASP B 128 -35.03 -38.72 27.81
C ASP B 128 -33.82 -39.67 27.58
N ILE B 129 -32.61 -39.20 27.96
CA ILE B 129 -31.37 -40.00 27.84
C ILE B 129 -31.34 -41.18 28.80
N ALA B 130 -31.69 -40.93 30.05
CA ALA B 130 -31.70 -41.97 31.07
C ALA B 130 -32.73 -43.05 30.76
N ASP B 131 -33.84 -42.65 30.14
CA ASP B 131 -34.88 -43.58 29.74
C ASP B 131 -34.51 -44.38 28.49
N GLY B 132 -33.47 -43.93 27.78
CA GLY B 132 -33.10 -44.62 26.56
C GLY B 132 -33.84 -44.15 25.32
N ALA B 133 -34.65 -43.11 25.44
CA ALA B 133 -35.39 -42.63 24.28
C ALA B 133 -34.58 -41.61 23.48
N SER B 134 -33.37 -41.32 23.94
CA SER B 134 -32.60 -40.24 23.33
C SER B 134 -31.43 -40.85 22.55
N ALA B 135 -31.06 -40.20 21.45
CA ALA B 135 -29.83 -40.48 20.72
C ALA B 135 -28.57 -39.89 21.37
N TYR B 136 -28.78 -38.99 22.33
CA TYR B 136 -27.69 -38.23 22.94
C TYR B 136 -26.95 -38.95 24.07
N GLU B 137 -25.75 -38.47 24.34
CA GLU B 137 -24.97 -38.97 25.46
C GLU B 137 -24.59 -37.88 26.46
N LEU B 138 -24.31 -38.30 27.69
CA LEU B 138 -23.89 -37.41 28.78
C LEU B 138 -22.39 -37.43 29.11
N SER B 139 -21.81 -36.25 29.28
CA SER B 139 -20.39 -36.13 29.64
C SER B 139 -20.12 -35.16 30.79
N PHE B 140 -19.17 -35.50 31.65
CA PHE B 140 -18.78 -34.63 32.76
C PHE B 140 -17.26 -34.54 32.93
N VAL B 141 -16.70 -33.36 32.67
CA VAL B 141 -15.25 -33.18 32.75
C VAL B 141 -14.75 -32.29 33.90
N LEU B 142 -14.02 -32.90 34.83
CA LEU B 142 -13.41 -32.18 35.96
C LEU B 142 -12.17 -31.37 35.58
N ASN B 143 -11.86 -30.35 36.37
CA ASN B 143 -10.70 -29.51 36.14
C ASN B 143 -9.39 -30.08 36.70
N SER B 144 -9.41 -31.33 37.17
CA SER B 144 -8.17 -32.02 37.53
C SER B 144 -8.25 -33.55 37.45
N ALA B 145 -7.16 -34.21 37.83
CA ALA B 145 -6.99 -35.65 37.63
C ALA B 145 -7.64 -36.48 38.74
N ALA B 146 -7.94 -35.83 39.85
CA ALA B 146 -8.65 -36.49 40.95
C ALA B 146 -9.84 -35.64 41.40
N VAL B 147 -10.83 -36.32 41.99
CA VAL B 147 -12.02 -35.64 42.50
C VAL B 147 -11.61 -34.73 43.65
N GLY B 148 -10.66 -35.20 44.45
CA GLY B 148 -10.11 -34.46 45.57
C GLY B 148 -9.40 -33.15 45.23
N ASP B 149 -8.83 -33.07 44.02
CA ASP B 149 -8.11 -31.87 43.59
C ASP B 149 -8.97 -30.93 42.75
N SER B 150 -10.13 -31.41 42.32
CA SER B 150 -11.04 -30.57 41.56
C SER B 150 -11.90 -29.66 42.41
N ASN B 151 -12.37 -28.56 41.83
CA ASN B 151 -13.41 -27.73 42.44
C ASN B 151 -14.60 -27.45 41.51
N ARG B 152 -14.63 -28.10 40.35
CA ARG B 152 -15.69 -27.86 39.38
C ARG B 152 -15.65 -28.86 38.25
N GLY B 153 -16.74 -28.91 37.49
CA GLY B 153 -16.84 -29.83 36.37
C GLY B 153 -17.79 -29.29 35.33
N THR B 154 -17.63 -29.73 34.09
CA THR B 154 -18.51 -29.29 33.03
C THR B 154 -19.37 -30.47 32.56
N LEU B 155 -20.67 -30.31 32.66
CA LEU B 155 -21.62 -31.35 32.26
C LEU B 155 -22.16 -31.04 30.88
N ARG B 156 -22.01 -31.98 29.95
CA ARG B 156 -22.41 -31.73 28.57
C ARG B 156 -23.31 -32.81 27.99
N VAL B 157 -24.28 -32.35 27.20
CA VAL B 157 -25.08 -33.24 26.36
C VAL B 157 -24.57 -33.21 24.93
N LEU B 158 -24.05 -34.36 24.50
CA LEU B 158 -23.33 -34.48 23.25
C LEU B 158 -24.08 -35.40 22.28
N GLU B 159 -24.09 -34.99 21.01
CA GLU B 159 -24.62 -35.82 19.95
C GLU B 159 -23.50 -36.32 19.08
N THR B 160 -23.44 -37.63 18.88
CA THR B 160 -22.50 -38.19 17.93
C THR B 160 -23.17 -38.25 16.56
N THR B 161 -22.51 -37.68 15.57
CA THR B 161 -22.90 -37.80 14.17
C THR B 161 -21.76 -38.39 13.38
N ASP B 162 -21.99 -38.69 12.12
CA ASP B 162 -20.92 -39.21 11.29
C ASP B 162 -19.83 -38.16 11.17
N PHE B 163 -20.22 -36.89 11.01
CA PHE B 163 -19.25 -35.81 10.86
C PHE B 163 -18.46 -35.51 12.14
N LYS B 164 -19.18 -35.41 13.27
CA LYS B 164 -18.56 -34.90 14.50
C LYS B 164 -19.44 -35.03 15.72
N THR B 165 -18.83 -34.88 16.90
CA THR B 165 -19.60 -34.67 18.13
C THR B 165 -20.21 -33.25 18.10
N VAL B 166 -21.51 -33.15 18.34
CA VAL B 166 -22.18 -31.85 18.41
C VAL B 166 -22.66 -31.50 19.81
N GLU B 167 -22.21 -30.37 20.34
CA GLU B 167 -22.54 -30.02 21.71
C GLU B 167 -23.90 -29.34 21.70
N HIS B 168 -24.82 -29.92 22.47
CA HIS B 168 -26.16 -29.37 22.65
C HIS B 168 -26.32 -28.43 23.82
N ILE B 169 -25.68 -28.76 24.93
CA ILE B 169 -25.65 -27.85 26.07
C ILE B 169 -24.48 -28.10 27.01
N SER B 170 -24.10 -27.05 27.72
CA SER B 170 -22.98 -27.09 28.65
C SER B 170 -23.36 -26.31 29.88
N LEU B 171 -23.04 -26.90 31.01
CA LEU B 171 -23.41 -26.36 32.31
C LEU B 171 -22.23 -26.58 33.25
N VAL B 172 -21.80 -25.52 33.93
CA VAL B 172 -20.74 -25.69 34.90
C VAL B 172 -21.32 -26.01 36.27
N LEU B 173 -20.78 -27.02 36.93
CA LEU B 173 -21.29 -27.39 38.25
C LEU B 173 -20.16 -27.24 39.25
N LEU B 174 -20.45 -26.61 40.39
CA LEU B 174 -19.41 -26.44 41.39
C LEU B 174 -19.36 -27.51 42.48
N ARG B 175 -18.17 -27.97 42.85
CA ARG B 175 -18.02 -28.92 43.95
C ARG B 175 -18.39 -28.25 45.27
N GLN B 176 -19.06 -28.96 46.17
CA GLN B 176 -19.51 -28.34 47.42
C GLN B 176 -18.45 -28.25 48.53
N GLY B 177 -18.61 -27.24 49.39
CA GLY B 177 -17.84 -27.06 50.61
C GLY B 177 -18.35 -27.90 51.75
N ASP B 178 -17.51 -28.13 52.76
CA ASP B 178 -17.83 -29.09 53.83
C ASP B 178 -19.16 -28.82 54.51
N ALA B 179 -19.35 -27.59 54.98
CA ALA B 179 -20.58 -27.22 55.68
C ALA B 179 -21.78 -27.41 54.75
N GLY B 180 -21.64 -26.96 53.52
CA GLY B 180 -22.64 -27.18 52.49
C GLY B 180 -22.86 -28.66 52.27
N LEU B 181 -21.76 -29.39 52.14
CA LEU B 181 -21.80 -30.83 51.92
C LEU B 181 -22.44 -31.62 53.07
N LYS B 182 -22.13 -31.25 54.32
CA LYS B 182 -22.72 -31.93 55.47
C LYS B 182 -24.22 -31.93 55.37
N ARG B 183 -24.76 -30.81 54.87
CA ARG B 183 -26.19 -30.64 54.70
C ARG B 183 -26.74 -31.74 53.79
N TYR B 184 -26.09 -31.97 52.66
CA TYR B 184 -26.50 -33.01 51.71
C TYR B 184 -26.59 -34.37 52.37
N LEU B 185 -25.51 -34.71 53.05
CA LEU B 185 -25.42 -36.01 53.68
C LEU B 185 -26.50 -36.11 54.74
N ALA B 186 -26.48 -35.16 55.67
CA ALA B 186 -27.47 -35.13 56.74
C ALA B 186 -28.90 -35.19 56.20
N GLU B 187 -29.15 -34.47 55.10
CA GLU B 187 -30.47 -34.46 54.49
C GLU B 187 -30.82 -35.86 54.02
N ARG B 188 -29.94 -36.42 53.20
CA ARG B 188 -30.14 -37.76 52.68
C ARG B 188 -30.11 -38.79 53.80
N PHE B 189 -29.33 -38.52 54.84
CA PHE B 189 -29.31 -39.33 56.05
C PHE B 189 -30.73 -39.52 56.58
N GLN B 190 -31.38 -38.41 56.89
CA GLN B 190 -32.71 -38.44 57.48
C GLN B 190 -33.74 -39.06 56.53
N HIS B 191 -33.59 -38.82 55.24
CA HIS B 191 -34.56 -39.30 54.24
C HIS B 191 -34.74 -40.82 54.30
N TYR B 192 -33.67 -41.56 54.06
CA TYR B 192 -33.80 -43.00 53.95
C TYR B 192 -34.09 -43.67 55.29
N GLU B 193 -33.76 -42.99 56.39
CA GLU B 193 -34.17 -43.50 57.69
C GLU B 193 -35.70 -43.52 57.80
N GLN B 194 -36.34 -42.42 57.42
CA GLN B 194 -37.79 -42.31 57.44
C GLN B 194 -38.45 -43.33 56.52
N SER B 195 -37.95 -43.40 55.29
CA SER B 195 -38.50 -44.31 54.28
C SER B 195 -38.45 -45.76 54.75
N PHE B 196 -37.41 -46.08 55.53
CA PHE B 196 -37.26 -47.39 56.13
C PHE B 196 -38.39 -47.67 57.12
N ARG B 197 -38.62 -46.71 58.02
CA ARG B 197 -39.70 -46.80 59.00
C ARG B 197 -41.05 -47.00 58.33
N ALA B 198 -41.26 -46.30 57.22
CA ALA B 198 -42.50 -46.40 56.44
C ALA B 198 -42.68 -47.82 55.89
N SER B 199 -41.57 -48.45 55.52
CA SER B 199 -41.62 -49.82 55.02
C SER B 199 -41.88 -50.81 56.14
N GLU B 200 -41.51 -50.43 57.36
CA GLU B 200 -41.93 -51.18 58.55
C GLU B 200 -43.42 -50.95 58.79
N ALA B 201 -43.87 -49.72 58.54
CA ALA B 201 -45.26 -49.36 58.68
C ALA B 201 -46.11 -50.09 57.63
N SER B 202 -45.62 -50.10 56.39
CA SER B 202 -46.31 -50.81 55.31
C SER B 202 -46.30 -52.32 55.54
N ARG B 203 -45.17 -52.86 55.98
CA ARG B 203 -45.07 -54.29 56.27
C ARG B 203 -45.99 -54.71 57.41
N ALA B 204 -46.05 -53.89 58.47
CA ALA B 204 -46.93 -54.18 59.59
C ALA B 204 -48.40 -54.15 59.18
N VAL B 205 -48.75 -53.21 58.31
CA VAL B 205 -50.11 -53.07 57.80
C VAL B 205 -50.55 -54.22 56.87
N ILE B 206 -49.72 -54.54 55.89
CA ILE B 206 -50.10 -55.55 54.88
C ILE B 206 -50.04 -56.98 55.44
N THR B 207 -49.07 -57.26 56.31
CA THR B 207 -48.96 -58.57 56.95
C THR B 207 -50.16 -58.90 57.84
N ALA B 208 -50.71 -57.90 58.53
CA ALA B 208 -51.77 -58.12 59.51
C ALA B 208 -53.15 -58.27 58.88
N GLU B 209 -53.42 -57.46 57.85
CA GLU B 209 -54.68 -57.54 57.11
C GLU B 209 -54.89 -58.89 56.44
N LEU B 210 -53.86 -59.33 55.73
CA LEU B 210 -53.94 -60.50 54.88
C LEU B 210 -53.86 -61.80 55.68
N GLN B 211 -53.32 -61.70 56.89
CA GLN B 211 -53.28 -62.83 57.81
C GLN B 211 -54.67 -63.12 58.38
N GLU C 35 -6.24 -36.16 -5.08
CA GLU C 35 -5.12 -36.60 -5.93
C GLU C 35 -4.76 -35.45 -6.86
N GLU C 36 -5.76 -34.62 -7.15
CA GLU C 36 -5.60 -33.42 -7.95
C GLU C 36 -6.58 -32.36 -7.45
N PRO C 37 -6.28 -31.07 -7.68
CA PRO C 37 -7.16 -30.03 -7.13
C PRO C 37 -8.61 -30.06 -7.63
N GLN C 38 -9.50 -29.55 -6.79
CA GLN C 38 -10.95 -29.63 -6.99
C GLN C 38 -11.79 -28.56 -6.32
N THR C 39 -12.61 -27.86 -7.09
CA THR C 39 -13.63 -27.01 -6.49
C THR C 39 -14.77 -27.94 -6.07
N LEU C 40 -14.99 -28.08 -4.77
CA LEU C 40 -16.08 -28.89 -4.24
C LEU C 40 -17.41 -28.18 -4.12
N LEU C 41 -17.36 -26.85 -4.11
CA LEU C 41 -18.56 -26.05 -3.90
C LEU C 41 -18.26 -24.63 -4.33
N GLU C 42 -19.21 -24.05 -5.05
CA GLU C 42 -19.11 -22.67 -5.49
C GLU C 42 -20.51 -22.19 -5.74
N THR C 43 -21.08 -21.52 -4.75
CA THR C 43 -22.48 -21.16 -4.79
C THR C 43 -22.72 -19.96 -3.89
N THR C 44 -23.96 -19.47 -3.91
CA THR C 44 -24.35 -18.33 -3.08
C THR C 44 -25.35 -18.84 -2.04
N VAL C 45 -25.34 -18.24 -0.87
CA VAL C 45 -26.23 -18.68 0.19
C VAL C 45 -26.45 -17.51 1.15
N MET C 46 -27.67 -17.42 1.66
CA MET C 46 -28.04 -16.37 2.60
C MET C 46 -27.32 -16.62 3.91
N VAL C 47 -26.74 -15.56 4.47
CA VAL C 47 -25.94 -15.67 5.67
C VAL C 47 -26.26 -14.53 6.64
N SER C 48 -26.40 -14.89 7.91
CA SER C 48 -26.62 -13.92 8.96
C SER C 48 -25.32 -13.28 9.39
N THR C 49 -25.13 -12.03 9.00
CA THR C 49 -23.86 -11.37 9.22
C THR C 49 -24.08 -10.33 10.29
N LYS C 50 -23.09 -10.17 11.15
CA LYS C 50 -23.29 -9.37 12.34
C LYS C 50 -22.03 -8.57 12.56
N MET C 51 -22.13 -7.26 12.66
CA MET C 51 -20.94 -6.50 12.99
C MET C 51 -21.12 -5.82 14.34
N PRO C 52 -20.79 -6.53 15.44
CA PRO C 52 -20.98 -6.04 16.81
C PRO C 52 -20.30 -4.69 17.03
N PRO C 53 -20.98 -3.76 17.74
CA PRO C 53 -22.23 -4.04 18.47
C PRO C 53 -23.50 -3.86 17.64
N HIS C 54 -23.35 -3.55 16.36
CA HIS C 54 -24.50 -3.35 15.49
C HIS C 54 -25.41 -4.57 15.51
N GLU C 55 -26.65 -4.33 15.10
CA GLU C 55 -27.64 -5.37 15.00
C GLU C 55 -27.26 -6.24 13.80
N PRO C 56 -27.43 -7.56 13.93
CA PRO C 56 -27.15 -8.44 12.79
C PRO C 56 -27.99 -8.11 11.56
N GLN C 57 -27.46 -8.48 10.40
CA GLN C 57 -28.23 -8.41 9.17
C GLN C 57 -27.92 -9.53 8.18
N VAL C 58 -28.98 -10.07 7.60
CA VAL C 58 -28.91 -11.14 6.60
C VAL C 58 -28.48 -10.62 5.23
N ARG C 59 -27.47 -11.24 4.64
CA ARG C 59 -26.97 -10.84 3.33
C ARG C 59 -26.73 -12.07 2.48
N PRO C 60 -26.80 -11.92 1.14
CA PRO C 60 -26.37 -13.08 0.35
C PRO C 60 -24.85 -13.08 0.26
N LEU C 61 -24.24 -14.23 0.51
CA LEU C 61 -22.80 -14.33 0.47
C LEU C 61 -22.39 -15.47 -0.44
N GLY C 62 -21.24 -15.32 -1.06
CA GLY C 62 -20.64 -16.36 -1.86
C GLY C 62 -19.87 -17.35 -1.02
N VAL C 63 -19.99 -18.62 -1.36
CA VAL C 63 -19.29 -19.67 -0.65
C VAL C 63 -18.60 -20.53 -1.68
N TYR C 64 -17.30 -20.70 -1.48
CA TYR C 64 -16.48 -21.44 -2.40
C TYR C 64 -15.62 -22.34 -1.54
N VAL C 65 -15.57 -23.63 -1.86
CA VAL C 65 -14.77 -24.56 -1.08
C VAL C 65 -13.95 -25.48 -1.97
N ARG C 66 -12.65 -25.45 -1.77
CA ARG C 66 -11.76 -26.03 -2.75
C ARG C 66 -10.65 -26.78 -2.06
N THR C 67 -10.40 -27.99 -2.55
CA THR C 67 -9.27 -28.77 -2.13
C THR C 67 -8.25 -28.66 -3.25
N GLY C 68 -6.99 -28.95 -2.93
CA GLY C 68 -5.94 -28.72 -3.88
C GLY C 68 -4.60 -28.83 -3.19
N ARG C 69 -3.57 -28.19 -3.73
CA ARG C 69 -2.26 -28.38 -3.14
C ARG C 69 -1.78 -27.02 -2.68
N GLY C 70 -1.16 -26.97 -1.50
CA GLY C 70 -0.61 -25.72 -1.01
C GLY C 70 0.31 -25.90 0.18
N GLY C 71 0.43 -24.85 0.99
CA GLY C 71 1.25 -24.90 2.17
C GLY C 71 2.67 -24.41 1.99
N PRO C 72 3.45 -24.44 3.09
CA PRO C 72 4.84 -23.98 3.11
C PRO C 72 5.60 -24.47 1.87
N ASN C 73 5.56 -25.78 1.66
CA ASN C 73 6.30 -26.36 0.54
C ASN C 73 5.47 -26.73 -0.69
N GLY C 74 4.22 -26.28 -0.71
CA GLY C 74 3.31 -26.46 -1.82
C GLY C 74 3.03 -27.89 -2.27
N VAL C 75 3.25 -28.87 -1.40
CA VAL C 75 2.88 -30.26 -1.69
C VAL C 75 2.02 -30.81 -0.56
N THR C 76 1.54 -29.92 0.30
CA THR C 76 0.60 -30.32 1.33
C THR C 76 -0.82 -30.21 0.81
N ARG C 77 -1.60 -31.25 1.08
CA ARG C 77 -3.03 -31.21 0.84
C ARG C 77 -3.63 -30.08 1.68
N VAL C 78 -4.44 -29.26 1.03
CA VAL C 78 -5.14 -28.17 1.71
C VAL C 78 -6.65 -28.22 1.49
N VAL C 79 -7.36 -27.72 2.48
CA VAL C 79 -8.76 -27.37 2.31
C VAL C 79 -8.90 -25.87 2.40
N LEU C 80 -9.57 -25.30 1.41
CA LEU C 80 -9.84 -23.88 1.41
C LEU C 80 -11.35 -23.62 1.48
N VAL C 81 -11.73 -22.71 2.37
CA VAL C 81 -13.10 -22.25 2.46
C VAL C 81 -13.04 -20.75 2.18
N ARG C 82 -13.81 -20.29 1.19
CA ARG C 82 -13.74 -18.89 0.82
C ARG C 82 -15.14 -18.31 0.85
N LEU C 83 -15.25 -17.15 1.49
CA LEU C 83 -16.51 -16.46 1.68
C LEU C 83 -16.48 -15.06 1.08
N THR C 84 -17.46 -14.75 0.24
CA THR C 84 -17.46 -13.50 -0.51
C THR C 84 -18.83 -12.84 -0.49
N ASP C 85 -18.87 -11.59 -0.95
CA ASP C 85 -20.10 -10.81 -1.02
C ASP C 85 -20.17 -10.14 -2.37
N PRO C 86 -21.11 -10.58 -3.22
CA PRO C 86 -21.21 -10.06 -4.60
C PRO C 86 -21.43 -8.56 -4.65
N THR C 87 -22.03 -8.00 -3.61
CA THR C 87 -22.23 -6.56 -3.53
C THR C 87 -21.00 -5.79 -3.03
N ASP C 88 -19.94 -6.52 -2.68
CA ASP C 88 -18.74 -5.92 -2.07
C ASP C 88 -17.45 -6.69 -2.38
N PRO C 89 -16.64 -6.17 -3.32
CA PRO C 89 -15.42 -6.88 -3.74
C PRO C 89 -14.37 -7.06 -2.65
N PHE C 90 -14.34 -6.19 -1.65
CA PHE C 90 -13.36 -6.28 -0.57
C PHE C 90 -13.76 -7.28 0.50
N PHE C 91 -15.02 -7.71 0.46
CA PHE C 91 -15.51 -8.73 1.38
C PHE C 91 -15.01 -10.06 0.88
N LEU C 92 -13.87 -10.48 1.42
CA LEU C 92 -13.13 -11.65 0.98
C LEU C 92 -12.41 -12.27 2.15
N PHE C 93 -12.94 -13.41 2.58
CA PHE C 93 -12.53 -14.05 3.81
C PHE C 93 -12.29 -15.51 3.46
N GLU C 94 -11.27 -16.07 4.08
CA GLU C 94 -10.79 -17.39 3.73
C GLU C 94 -10.39 -18.11 4.99
N LEU C 95 -10.60 -19.41 4.99
CA LEU C 95 -9.95 -20.25 5.97
C LEU C 95 -9.16 -21.21 5.11
N GLU C 96 -7.85 -21.24 5.32
CA GLU C 96 -6.99 -22.21 4.67
C GLU C 96 -6.45 -23.15 5.73
N LEU C 97 -6.63 -24.44 5.49
CA LEU C 97 -6.26 -25.50 6.40
C LEU C 97 -5.30 -26.53 5.81
N LEU C 98 -4.18 -26.71 6.47
CA LEU C 98 -3.17 -27.64 5.99
C LEU C 98 -3.30 -29.02 6.63
N GLU C 99 -3.05 -30.07 5.85
CA GLU C 99 -3.18 -31.43 6.38
C GLU C 99 -2.30 -31.67 7.61
N ASP C 100 -1.12 -31.03 7.66
CA ASP C 100 -0.26 -31.18 8.82
C ASP C 100 -0.90 -30.63 10.09
N ASP C 101 -1.66 -29.54 9.93
CA ASP C 101 -2.31 -28.87 11.04
C ASP C 101 -3.62 -29.52 11.50
N TYR C 102 -4.08 -30.55 10.78
CA TYR C 102 -5.45 -31.06 10.93
C TYR C 102 -5.75 -31.77 12.25
N ASN C 103 -4.82 -32.56 12.76
CA ASN C 103 -5.06 -33.27 14.01
C ASN C 103 -5.43 -32.34 15.16
N ALA C 104 -4.81 -31.16 15.20
CA ALA C 104 -5.13 -30.20 16.23
C ALA C 104 -6.56 -29.72 15.99
N PHE C 105 -6.85 -29.43 14.72
CA PHE C 105 -8.15 -28.99 14.24
C PHE C 105 -9.20 -30.04 14.63
N LYS C 106 -8.91 -31.31 14.34
CA LYS C 106 -9.82 -32.43 14.62
C LYS C 106 -10.14 -32.61 16.10
N GLN C 107 -9.14 -32.44 16.95
CA GLN C 107 -9.29 -32.55 18.39
C GLN C 107 -10.09 -31.40 18.96
N HIS C 108 -9.72 -30.20 18.53
CA HIS C 108 -10.32 -28.96 18.99
C HIS C 108 -11.81 -28.81 18.65
N LEU C 109 -12.21 -29.28 17.47
CA LEU C 109 -13.59 -29.11 17.02
C LEU C 109 -14.44 -30.36 17.25
N GLU C 110 -13.80 -31.38 17.79
CA GLU C 110 -14.43 -32.67 18.04
C GLU C 110 -15.03 -33.32 16.80
N LEU C 111 -14.26 -33.29 15.71
CA LEU C 111 -14.64 -33.90 14.43
C LEU C 111 -14.36 -35.40 14.50
N LEU C 112 -15.05 -36.19 13.68
CA LEU C 112 -14.92 -37.64 13.73
C LEU C 112 -14.58 -38.21 12.35
N VAL C 113 -14.09 -37.34 11.46
CA VAL C 113 -13.61 -37.79 10.16
C VAL C 113 -12.16 -37.37 9.93
N ASP C 114 -11.52 -37.99 8.95
CA ASP C 114 -10.15 -37.64 8.61
C ASP C 114 -10.12 -36.42 7.69
N PHE C 115 -8.92 -36.02 7.32
CA PHE C 115 -8.72 -34.81 6.54
C PHE C 115 -9.46 -34.91 5.20
N HIS C 116 -9.55 -36.11 4.62
CA HIS C 116 -10.21 -36.28 3.33
C HIS C 116 -11.72 -36.12 3.36
N GLY C 117 -12.35 -36.61 4.43
CA GLY C 117 -13.79 -36.49 4.57
C GLY C 117 -14.26 -35.13 5.02
N PHE C 118 -13.39 -34.39 5.69
CA PHE C 118 -13.80 -33.14 6.33
C PHE C 118 -14.42 -32.15 5.33
N PRO C 119 -13.70 -31.82 4.24
CA PRO C 119 -14.35 -30.88 3.32
C PRO C 119 -15.57 -31.47 2.62
N ARG C 120 -15.70 -32.78 2.53
CA ARG C 120 -16.85 -33.36 1.84
C ARG C 120 -18.08 -33.18 2.72
N TYR C 121 -17.90 -33.42 4.01
CA TYR C 121 -18.96 -33.20 4.98
C TYR C 121 -19.23 -31.71 5.23
N LEU C 122 -18.20 -30.87 5.24
CA LEU C 122 -18.44 -29.44 5.44
C LEU C 122 -19.33 -28.99 4.30
N VAL C 123 -18.97 -29.41 3.08
CA VAL C 123 -19.66 -28.99 1.86
C VAL C 123 -21.03 -29.66 1.74
N GLY C 124 -21.11 -30.91 2.22
CA GLY C 124 -22.36 -31.63 2.33
C GLY C 124 -23.38 -30.80 3.08
N MET C 125 -22.93 -30.31 4.22
CA MET C 125 -23.70 -29.49 5.15
C MET C 125 -24.08 -28.17 4.48
N LEU C 126 -23.11 -27.50 3.87
CA LEU C 126 -23.34 -26.19 3.26
C LEU C 126 -24.25 -26.31 2.03
N ARG C 127 -24.04 -27.34 1.21
CA ARG C 127 -24.89 -27.53 0.03
C ARG C 127 -26.31 -27.86 0.39
N ASP C 128 -26.47 -28.65 1.44
CA ASP C 128 -27.79 -28.89 2.00
C ASP C 128 -28.47 -27.58 2.37
N ILE C 129 -27.75 -26.63 2.96
CA ILE C 129 -28.33 -25.34 3.31
C ILE C 129 -28.70 -24.45 2.13
N ALA C 130 -27.76 -24.31 1.18
CA ALA C 130 -27.98 -23.50 0.00
C ALA C 130 -29.11 -24.04 -0.88
N ASP C 131 -29.23 -25.36 -0.92
CA ASP C 131 -30.28 -26.02 -1.68
C ASP C 131 -31.64 -25.98 -0.99
N GLY C 132 -31.67 -25.62 0.29
CA GLY C 132 -32.93 -25.62 0.99
C GLY C 132 -33.32 -26.95 1.60
N ALA C 133 -32.42 -27.93 1.55
CA ALA C 133 -32.75 -29.23 2.12
C ALA C 133 -32.40 -29.31 3.60
N SER C 134 -31.85 -28.23 4.15
CA SER C 134 -31.36 -28.30 5.52
C SER C 134 -32.30 -27.49 6.40
N ALA C 135 -32.48 -27.94 7.63
CA ALA C 135 -33.14 -27.19 8.70
C ALA C 135 -32.21 -26.14 9.31
N TYR C 136 -30.93 -26.22 8.97
CA TYR C 136 -29.92 -25.38 9.60
C TYR C 136 -29.77 -24.01 8.96
N GLU C 137 -29.18 -23.09 9.73
CA GLU C 137 -28.85 -21.77 9.23
C GLU C 137 -27.38 -21.38 9.33
N LEU C 138 -27.01 -20.41 8.51
CA LEU C 138 -25.66 -19.87 8.44
C LEU C 138 -25.50 -18.51 9.13
N SER C 139 -24.42 -18.38 9.91
CA SER C 139 -24.10 -17.14 10.62
C SER C 139 -22.65 -16.72 10.47
N PHE C 140 -22.39 -15.42 10.35
CA PHE C 140 -21.03 -14.91 10.26
C PHE C 140 -20.86 -13.67 11.13
N VAL C 141 -20.07 -13.79 12.20
CA VAL C 141 -19.88 -12.68 13.13
C VAL C 141 -18.48 -12.08 13.09
N LEU C 142 -18.37 -10.82 12.68
CA LEU C 142 -17.09 -10.13 12.66
C LEU C 142 -16.60 -9.72 14.05
N ASN C 143 -15.29 -9.58 14.16
CA ASN C 143 -14.64 -9.17 15.41
C ASN C 143 -14.62 -7.66 15.61
N SER C 144 -15.31 -6.93 14.75
CA SER C 144 -15.50 -5.50 14.97
C SER C 144 -16.76 -4.93 14.32
N ALA C 145 -16.92 -3.62 14.45
CA ALA C 145 -18.15 -2.94 14.06
C ALA C 145 -18.21 -2.57 12.58
N ALA C 146 -17.05 -2.59 11.92
CA ALA C 146 -16.99 -2.35 10.48
C ALA C 146 -16.18 -3.42 9.77
N VAL C 147 -16.48 -3.60 8.48
CA VAL C 147 -15.76 -4.58 7.66
C VAL C 147 -14.32 -4.07 7.57
N GLY C 148 -14.19 -2.74 7.45
CA GLY C 148 -12.90 -2.08 7.38
C GLY C 148 -12.02 -2.23 8.61
N ASP C 149 -12.65 -2.41 9.78
CA ASP C 149 -11.91 -2.56 11.03
C ASP C 149 -11.74 -4.02 11.40
N SER C 150 -12.46 -4.91 10.74
CA SER C 150 -12.28 -6.32 11.04
C SER C 150 -11.08 -6.90 10.32
N ASN C 151 -10.57 -7.98 10.91
CA ASN C 151 -9.59 -8.84 10.28
C ASN C 151 -10.01 -10.30 10.32
N ARG C 152 -11.23 -10.54 10.77
CA ARG C 152 -11.75 -11.90 10.92
C ARG C 152 -13.23 -11.94 11.23
N GLY C 153 -13.78 -13.15 11.08
CA GLY C 153 -15.18 -13.40 11.33
C GLY C 153 -15.32 -14.86 11.72
N THR C 154 -16.37 -15.19 12.45
CA THR C 154 -16.61 -16.56 12.85
C THR C 154 -17.84 -17.01 12.09
N LEU C 155 -17.68 -18.07 11.32
CA LEU C 155 -18.76 -18.62 10.51
C LEU C 155 -19.34 -19.84 11.22
N ARG C 156 -20.65 -19.82 11.45
CA ARG C 156 -21.29 -20.88 12.21
C ARG C 156 -22.48 -21.48 11.50
N VAL C 157 -22.62 -22.80 11.62
CA VAL C 157 -23.84 -23.51 11.22
C VAL C 157 -24.69 -23.77 12.45
N LEU C 158 -25.86 -23.12 12.47
CA LEU C 158 -26.70 -23.08 13.66
C LEU C 158 -28.01 -23.80 13.42
N GLU C 159 -28.43 -24.55 14.42
CA GLU C 159 -29.73 -25.20 14.45
C GLU C 159 -30.60 -24.50 15.48
N THR C 160 -31.79 -24.08 15.05
CA THR C 160 -32.76 -23.56 16.00
C THR C 160 -33.65 -24.70 16.47
N THR C 161 -33.75 -24.83 17.79
CA THR C 161 -34.69 -25.76 18.43
C THR C 161 -35.61 -24.97 19.32
N ASP C 162 -36.62 -25.63 19.87
CA ASP C 162 -37.50 -24.94 20.78
C ASP C 162 -36.70 -24.50 22.00
N PHE C 163 -35.80 -25.38 22.46
CA PHE C 163 -35.00 -25.08 23.63
C PHE C 163 -33.95 -23.99 23.40
N LYS C 164 -33.23 -24.09 22.29
CA LYS C 164 -32.05 -23.24 22.10
C LYS C 164 -31.47 -23.34 20.70
N THR C 165 -30.62 -22.37 20.36
CA THR C 165 -29.75 -22.51 19.21
C THR C 165 -28.69 -23.57 19.54
N VAL C 166 -28.51 -24.55 18.67
CA VAL C 166 -27.47 -25.56 18.85
C VAL C 166 -26.38 -25.41 17.81
N GLU C 167 -25.14 -25.23 18.26
CA GLU C 167 -24.06 -24.99 17.32
C GLU C 167 -23.51 -26.29 16.78
N HIS C 168 -23.52 -26.42 15.46
CA HIS C 168 -22.96 -27.57 14.78
C HIS C 168 -21.51 -27.45 14.35
N ILE C 169 -21.11 -26.28 13.86
CA ILE C 169 -19.72 -26.02 13.58
C ILE C 169 -19.34 -24.54 13.55
N SER C 170 -18.07 -24.25 13.83
CA SER C 170 -17.58 -22.88 13.87
C SER C 170 -16.20 -22.85 13.25
N LEU C 171 -15.98 -21.86 12.40
CA LEU C 171 -14.75 -21.75 11.64
C LEU C 171 -14.40 -20.28 11.65
N VAL C 172 -13.17 -19.95 12.02
CA VAL C 172 -12.73 -18.57 11.95
C VAL C 172 -12.12 -18.36 10.58
N LEU C 173 -12.51 -17.27 9.93
CA LEU C 173 -11.99 -16.99 8.61
C LEU C 173 -11.25 -15.67 8.65
N LEU C 174 -10.06 -15.62 8.08
CA LEU C 174 -9.30 -14.39 8.11
C LEU C 174 -9.54 -13.52 6.89
N ARG C 175 -9.70 -12.22 7.09
CA ARG C 175 -9.82 -11.30 5.98
C ARG C 175 -8.46 -11.29 5.28
N GLN C 176 -8.43 -11.23 3.95
CA GLN C 176 -7.14 -11.28 3.25
C GLN C 176 -6.36 -9.98 3.28
N GLY C 177 -5.04 -10.14 3.20
CA GLY C 177 -4.14 -9.02 3.03
C GLY C 177 -4.22 -8.59 1.59
N ASP C 178 -3.82 -7.35 1.34
CA ASP C 178 -4.03 -6.71 0.05
C ASP C 178 -3.52 -7.56 -1.11
N ALA C 179 -2.30 -8.07 -0.98
CA ALA C 179 -1.71 -8.88 -2.04
C ALA C 179 -2.56 -10.09 -2.41
N GLY C 180 -3.06 -10.79 -1.41
CA GLY C 180 -3.99 -11.89 -1.65
C GLY C 180 -5.24 -11.47 -2.40
N LEU C 181 -5.85 -10.38 -1.93
CA LEU C 181 -7.07 -9.86 -2.54
C LEU C 181 -6.89 -9.43 -3.99
N LYS C 182 -5.80 -8.73 -4.28
CA LYS C 182 -5.56 -8.29 -5.65
C LYS C 182 -5.55 -9.48 -6.60
N ARG C 183 -4.97 -10.59 -6.17
CA ARG C 183 -5.01 -11.80 -6.99
C ARG C 183 -6.46 -12.26 -7.23
N TYR C 184 -7.24 -12.34 -6.16
CA TYR C 184 -8.64 -12.75 -6.28
C TYR C 184 -9.41 -11.92 -7.29
N LEU C 185 -9.30 -10.61 -7.17
CA LEU C 185 -10.01 -9.70 -8.04
C LEU C 185 -9.51 -9.89 -9.47
N ALA C 186 -8.20 -9.78 -9.66
CA ALA C 186 -7.57 -9.99 -10.96
C ALA C 186 -7.99 -11.34 -11.57
N GLU C 187 -8.10 -12.37 -10.73
CA GLU C 187 -8.50 -13.68 -11.19
C GLU C 187 -9.93 -13.63 -11.74
N ARG C 188 -10.83 -13.15 -10.91
CA ARG C 188 -12.23 -13.03 -11.28
C ARG C 188 -12.42 -12.03 -12.41
N PHE C 189 -11.57 -11.00 -12.43
CA PHE C 189 -11.49 -10.07 -13.55
C PHE C 189 -11.29 -10.84 -14.86
N GLN C 190 -10.18 -11.57 -14.96
CA GLN C 190 -9.85 -12.25 -16.21
C GLN C 190 -10.93 -13.25 -16.60
N HIS C 191 -11.49 -13.91 -15.61
CA HIS C 191 -12.51 -14.94 -15.85
C HIS C 191 -13.68 -14.39 -16.66
N TYR C 192 -14.38 -13.41 -16.08
CA TYR C 192 -15.59 -12.92 -16.71
C TYR C 192 -15.30 -12.10 -17.96
N GLU C 193 -14.08 -11.60 -18.12
CA GLU C 193 -13.75 -10.97 -19.39
C GLU C 193 -13.84 -12.02 -20.48
N GLN C 194 -13.24 -13.18 -20.23
CA GLN C 194 -13.29 -14.27 -21.19
C GLN C 194 -14.69 -14.81 -21.41
N SER C 195 -15.41 -15.09 -20.31
CA SER C 195 -16.75 -15.65 -20.38
C SER C 195 -17.65 -14.75 -21.22
N PHE C 196 -17.40 -13.45 -21.13
CA PHE C 196 -18.07 -12.46 -21.95
C PHE C 196 -17.73 -12.65 -23.42
N ARG C 197 -16.44 -12.76 -23.72
CA ARG C 197 -15.97 -13.01 -25.08
C ARG C 197 -16.59 -14.25 -25.68
N ALA C 198 -16.69 -15.31 -24.89
CA ALA C 198 -17.27 -16.57 -25.33
C ALA C 198 -18.75 -16.44 -25.69
N SER C 199 -19.48 -15.63 -24.92
CA SER C 199 -20.91 -15.43 -25.18
C SER C 199 -21.15 -14.54 -26.40
N GLU C 200 -20.14 -13.75 -26.76
CA GLU C 200 -20.18 -13.02 -28.01
C GLU C 200 -20.02 -14.01 -29.18
N ALA C 201 -19.15 -15.01 -28.98
CA ALA C 201 -18.94 -16.05 -29.97
C ALA C 201 -20.20 -16.89 -30.13
N SER C 202 -20.81 -17.25 -29.00
CA SER C 202 -22.04 -18.01 -29.01
C SER C 202 -23.18 -17.22 -29.63
N ARG C 203 -23.28 -15.94 -29.30
CA ARG C 203 -24.32 -15.10 -29.90
C ARG C 203 -24.06 -15.01 -31.40
N ALA C 204 -22.80 -14.87 -31.79
CA ALA C 204 -22.41 -14.75 -33.19
C ALA C 204 -22.80 -15.99 -33.97
N VAL C 205 -22.69 -17.15 -33.35
CA VAL C 205 -23.07 -18.39 -34.01
C VAL C 205 -24.57 -18.43 -34.25
N ILE C 206 -25.34 -18.16 -33.20
CA ILE C 206 -26.79 -18.26 -33.28
C ILE C 206 -27.48 -17.09 -33.98
N THR C 207 -26.99 -15.87 -33.78
CA THR C 207 -27.55 -14.72 -34.49
C THR C 207 -27.36 -14.81 -36.00
N ALA C 208 -26.21 -15.35 -36.43
CA ALA C 208 -25.88 -15.38 -37.85
C ALA C 208 -26.54 -16.52 -38.61
N GLU C 209 -26.55 -17.72 -38.03
CA GLU C 209 -27.23 -18.86 -38.65
C GLU C 209 -28.73 -18.63 -38.77
N LEU C 210 -29.33 -18.14 -37.69
CA LEU C 210 -30.78 -18.02 -37.63
C LEU C 210 -31.26 -16.84 -38.49
N GLN C 211 -30.42 -15.84 -38.68
CA GLN C 211 -30.73 -14.77 -39.63
C GLN C 211 -30.59 -15.29 -41.06
N GLU C 212 -29.68 -16.23 -41.23
CA GLU C 212 -29.48 -16.85 -42.52
C GLU C 212 -30.67 -17.75 -42.85
N LYS C 213 -31.28 -18.34 -41.82
CA LYS C 213 -32.48 -19.16 -42.01
C LYS C 213 -33.71 -18.31 -42.33
N ILE C 214 -33.76 -17.10 -41.79
CA ILE C 214 -34.89 -16.21 -42.04
C ILE C 214 -34.94 -15.83 -43.51
N GLY C 215 -33.79 -15.45 -44.05
CA GLY C 215 -33.68 -15.06 -45.44
C GLY C 215 -34.01 -16.17 -46.42
N ASP C 216 -33.68 -17.40 -46.06
CA ASP C 216 -33.99 -18.56 -46.90
C ASP C 216 -35.49 -18.81 -47.01
N LEU C 217 -36.12 -19.03 -45.86
CA LEU C 217 -37.55 -19.32 -45.78
C LEU C 217 -38.47 -18.11 -46.00
N GLN C 218 -37.93 -16.89 -45.87
CA GLN C 218 -38.69 -15.69 -46.22
C GLN C 218 -38.88 -15.66 -47.73
N ALA C 219 -37.87 -16.12 -48.46
CA ALA C 219 -37.95 -16.25 -49.90
C ALA C 219 -38.84 -17.43 -50.30
N ALA C 220 -38.95 -18.42 -49.41
CA ALA C 220 -39.84 -19.56 -49.64
C ALA C 220 -41.30 -19.17 -49.48
N ASN C 221 -41.55 -18.21 -48.59
CA ASN C 221 -42.88 -17.61 -48.45
C ASN C 221 -43.25 -16.80 -49.68
N ASP C 222 -42.26 -16.12 -50.24
CA ASP C 222 -42.44 -15.29 -51.42
C ASP C 222 -42.90 -16.11 -52.62
N ALA C 223 -42.46 -17.37 -52.67
CA ALA C 223 -42.88 -18.30 -53.70
C ALA C 223 -44.38 -18.61 -53.59
N GLU D 36 -21.78 12.91 -16.44
CA GLU D 36 -21.11 13.34 -17.67
C GLU D 36 -19.81 12.60 -18.13
N PRO D 37 -19.28 11.61 -17.36
CA PRO D 37 -18.00 11.03 -17.81
C PRO D 37 -18.05 10.34 -19.18
N GLN D 38 -16.90 10.28 -19.86
CA GLN D 38 -16.83 9.79 -21.24
C GLN D 38 -15.44 9.22 -21.57
N THR D 39 -15.44 7.96 -22.02
CA THR D 39 -14.29 7.27 -22.62
C THR D 39 -14.07 7.62 -24.09
N LEU D 40 -12.96 8.31 -24.38
CA LEU D 40 -12.63 8.63 -25.78
C LEU D 40 -11.87 7.51 -26.50
N LEU D 41 -11.25 6.62 -25.74
CA LEU D 41 -10.42 5.58 -26.34
C LEU D 41 -10.15 4.46 -25.35
N GLU D 42 -10.25 3.23 -25.85
CA GLU D 42 -9.97 2.03 -25.08
C GLU D 42 -9.61 0.92 -26.03
N THR D 43 -8.30 0.73 -26.19
CA THR D 43 -7.79 -0.16 -27.21
C THR D 43 -6.40 -0.66 -26.83
N THR D 44 -5.87 -1.56 -27.65
CA THR D 44 -4.55 -2.11 -27.44
C THR D 44 -3.61 -1.63 -28.55
N VAL D 45 -2.33 -1.48 -28.21
CA VAL D 45 -1.34 -0.99 -29.16
C VAL D 45 0.06 -1.45 -28.74
N MET D 46 0.89 -1.78 -29.73
CA MET D 46 2.25 -2.21 -29.45
C MET D 46 3.02 -0.99 -28.93
N VAL D 47 3.77 -1.21 -27.85
CA VAL D 47 4.49 -0.12 -27.21
C VAL D 47 5.87 -0.62 -26.84
N SER D 48 6.87 0.20 -27.12
CA SER D 48 8.25 -0.08 -26.76
C SER D 48 8.48 0.28 -25.31
N THR D 49 8.63 -0.72 -24.47
CA THR D 49 8.70 -0.47 -23.06
C THR D 49 10.13 -0.75 -22.68
N LYS D 50 10.65 0.06 -21.77
CA LYS D 50 12.06 0.05 -21.49
C LYS D 50 12.25 0.20 -20.01
N MET D 51 12.96 -0.75 -19.41
CA MET D 51 13.28 -0.64 -18.01
C MET D 51 14.79 -0.51 -17.86
N PRO D 52 15.30 0.72 -17.94
CA PRO D 52 16.75 0.98 -17.89
C PRO D 52 17.40 0.37 -16.65
N PRO D 53 18.59 -0.26 -16.80
CA PRO D 53 19.35 -0.22 -18.04
C PRO D 53 19.02 -1.34 -19.03
N HIS D 54 18.06 -2.20 -18.72
CA HIS D 54 17.71 -3.31 -19.61
C HIS D 54 17.33 -2.82 -21.01
N GLU D 55 17.42 -3.72 -21.99
CA GLU D 55 17.03 -3.41 -23.36
C GLU D 55 15.51 -3.29 -23.49
N PRO D 56 15.03 -2.30 -24.26
CA PRO D 56 13.59 -2.22 -24.48
C PRO D 56 13.02 -3.46 -25.14
N GLN D 57 11.75 -3.74 -24.92
CA GLN D 57 11.06 -4.78 -25.69
C GLN D 57 9.60 -4.39 -25.91
N VAL D 58 9.14 -4.66 -27.14
CA VAL D 58 7.78 -4.40 -27.59
C VAL D 58 6.73 -5.37 -27.04
N ARG D 59 5.67 -4.81 -26.47
CA ARG D 59 4.59 -5.58 -25.88
C ARG D 59 3.28 -4.95 -26.32
N PRO D 60 2.20 -5.74 -26.36
CA PRO D 60 0.92 -5.05 -26.57
C PRO D 60 0.46 -4.47 -25.25
N LEU D 61 0.04 -3.20 -25.26
CA LEU D 61 -0.40 -2.56 -24.04
C LEU D 61 -1.77 -1.95 -24.24
N GLY D 62 -2.52 -1.90 -23.15
CA GLY D 62 -3.81 -1.24 -23.13
C GLY D 62 -3.73 0.26 -22.91
N VAL D 63 -4.58 0.97 -23.64
CA VAL D 63 -4.62 2.41 -23.54
C VAL D 63 -6.08 2.76 -23.37
N TYR D 64 -6.37 3.51 -22.31
CA TYR D 64 -7.74 3.85 -22.00
C TYR D 64 -7.68 5.33 -21.69
N VAL D 65 -8.56 6.12 -22.30
CA VAL D 65 -8.56 7.56 -22.04
C VAL D 65 -9.97 8.07 -21.82
N ARG D 66 -10.18 8.71 -20.67
CA ARG D 66 -11.52 9.00 -20.18
C ARG D 66 -11.54 10.39 -19.55
N THR D 67 -12.57 11.17 -19.89
CA THR D 67 -12.82 12.45 -19.24
C THR D 67 -13.97 12.30 -18.26
N GLY D 68 -14.08 13.24 -17.31
CA GLY D 68 -15.03 13.11 -16.23
C GLY D 68 -14.81 14.09 -15.10
N ARG D 69 -15.24 13.75 -13.89
CA ARG D 69 -15.18 14.67 -12.78
C ARG D 69 -14.33 14.15 -11.63
N GLY D 70 -13.55 15.02 -11.02
CA GLY D 70 -12.73 14.66 -9.88
C GLY D 70 -12.14 15.84 -9.12
N GLY D 71 -11.02 15.59 -8.45
CA GLY D 71 -10.30 16.59 -7.69
C GLY D 71 -10.68 16.67 -6.23
N PRO D 72 -10.02 17.58 -5.48
CA PRO D 72 -10.23 17.78 -4.04
C PRO D 72 -11.69 17.75 -3.66
N ASN D 73 -12.46 18.61 -4.32
CA ASN D 73 -13.88 18.76 -4.03
C ASN D 73 -14.81 18.05 -5.01
N GLY D 74 -14.24 17.19 -5.85
CA GLY D 74 -15.02 16.40 -6.79
C GLY D 74 -15.87 17.18 -7.77
N VAL D 75 -15.52 18.43 -8.05
CA VAL D 75 -16.22 19.19 -9.08
C VAL D 75 -15.26 19.78 -10.11
N THR D 76 -14.01 19.31 -10.09
CA THR D 76 -13.06 19.68 -11.13
C THR D 76 -13.12 18.71 -12.30
N ARG D 77 -13.14 19.25 -13.52
CA ARG D 77 -12.98 18.48 -14.75
C ARG D 77 -11.64 17.76 -14.78
N VAL D 78 -11.66 16.46 -15.10
CA VAL D 78 -10.41 15.72 -15.24
C VAL D 78 -10.29 15.01 -16.60
N VAL D 79 -9.03 14.85 -17.01
CA VAL D 79 -8.64 13.94 -18.07
C VAL D 79 -7.80 12.83 -17.48
N LEU D 80 -8.18 11.59 -17.79
CA LEU D 80 -7.42 10.42 -17.33
C LEU D 80 -6.83 9.67 -18.51
N VAL D 81 -5.56 9.33 -18.37
CA VAL D 81 -4.85 8.50 -19.33
C VAL D 81 -4.41 7.26 -18.56
N ARG D 82 -4.78 6.09 -19.07
CA ARG D 82 -4.50 4.83 -18.41
C ARG D 82 -3.77 3.84 -19.31
N LEU D 83 -2.73 3.24 -18.75
CA LEU D 83 -1.86 2.31 -19.46
C LEU D 83 -1.85 0.96 -18.75
N THR D 84 -2.11 -0.11 -19.50
CA THR D 84 -2.26 -1.42 -18.89
C THR D 84 -1.50 -2.46 -19.73
N ASP D 85 -1.34 -3.66 -19.18
CA ASP D 85 -0.68 -4.77 -19.84
C ASP D 85 -1.53 -5.99 -19.61
N PRO D 86 -2.18 -6.50 -20.68
CA PRO D 86 -3.08 -7.64 -20.55
C PRO D 86 -2.40 -8.88 -19.97
N THR D 87 -1.08 -8.98 -20.16
CA THR D 87 -0.30 -10.08 -19.61
C THR D 87 0.10 -9.92 -18.14
N ASP D 88 -0.25 -8.79 -17.53
CA ASP D 88 0.18 -8.47 -16.16
C ASP D 88 -0.86 -7.58 -15.45
N PRO D 89 -1.68 -8.17 -14.55
CA PRO D 89 -2.75 -7.39 -13.90
C PRO D 89 -2.30 -6.21 -13.03
N PHE D 90 -1.10 -6.28 -12.49
CA PHE D 90 -0.53 -5.23 -11.63
C PHE D 90 0.06 -4.05 -12.41
N PHE D 91 0.25 -4.25 -13.71
CA PHE D 91 0.74 -3.21 -14.61
C PHE D 91 -0.34 -2.19 -14.93
N LEU D 92 -0.32 -1.11 -14.16
CA LEU D 92 -1.34 -0.09 -14.17
C LEU D 92 -0.79 1.29 -13.84
N PHE D 93 -0.72 2.13 -14.87
CA PHE D 93 -0.03 3.41 -14.77
C PHE D 93 -1.06 4.37 -15.32
N GLU D 94 -1.11 5.53 -14.70
CA GLU D 94 -2.15 6.49 -14.95
C GLU D 94 -1.61 7.90 -14.91
N LEU D 95 -2.17 8.75 -15.75
CA LEU D 95 -1.98 10.16 -15.56
C LEU D 95 -3.38 10.72 -15.39
N GLU D 96 -3.61 11.38 -14.26
CA GLU D 96 -4.84 12.10 -13.99
C GLU D 96 -4.46 13.56 -13.97
N LEU D 97 -5.20 14.31 -14.76
CA LEU D 97 -4.96 15.71 -14.96
C LEU D 97 -6.17 16.54 -14.59
N LEU D 98 -5.97 17.50 -13.69
CA LEU D 98 -7.06 18.34 -13.23
C LEU D 98 -7.05 19.59 -14.11
N GLU D 99 -8.22 20.12 -14.43
CA GLU D 99 -8.33 21.29 -15.32
C GLU D 99 -7.57 22.54 -14.88
N ASP D 100 -7.52 22.73 -13.57
CA ASP D 100 -6.79 23.84 -12.94
C ASP D 100 -5.28 23.85 -13.10
N ASP D 101 -4.69 22.66 -13.11
CA ASP D 101 -3.25 22.49 -13.21
C ASP D 101 -2.75 22.64 -14.64
N TYR D 102 -3.70 22.78 -15.57
CA TYR D 102 -3.46 22.65 -17.00
C TYR D 102 -2.60 23.76 -17.60
N ASN D 103 -2.78 25.01 -17.17
CA ASN D 103 -1.98 26.09 -17.72
C ASN D 103 -0.50 25.80 -17.56
N ALA D 104 -0.14 25.20 -16.44
CA ALA D 104 1.26 24.84 -16.21
C ALA D 104 1.62 23.73 -17.20
N PHE D 105 0.71 22.77 -17.31
CA PHE D 105 0.83 21.64 -18.23
C PHE D 105 1.01 22.10 -19.67
N LYS D 106 0.14 23.01 -20.11
CA LYS D 106 0.18 23.53 -21.47
C LYS D 106 1.51 24.23 -21.77
N GLN D 107 2.01 24.96 -20.77
CA GLN D 107 3.27 25.67 -20.87
C GLN D 107 4.49 24.78 -20.89
N HIS D 108 4.53 23.82 -19.97
CA HIS D 108 5.68 22.93 -19.86
C HIS D 108 5.79 22.13 -21.14
N LEU D 109 4.66 21.75 -21.72
CA LEU D 109 4.68 20.90 -22.90
C LEU D 109 4.50 21.66 -24.20
N GLU D 110 4.31 22.97 -24.11
CA GLU D 110 4.09 23.82 -25.28
C GLU D 110 2.90 23.40 -26.14
N LEU D 111 1.78 23.10 -25.49
CA LEU D 111 0.56 22.70 -26.17
C LEU D 111 -0.14 23.95 -26.72
N LEU D 112 -0.97 23.76 -27.75
CA LEU D 112 -1.62 24.87 -28.41
C LEU D 112 -3.13 24.67 -28.46
N VAL D 113 -3.63 23.78 -27.59
CA VAL D 113 -5.05 23.58 -27.44
C VAL D 113 -5.47 23.77 -25.98
N ASP D 114 -6.77 23.95 -25.76
CA ASP D 114 -7.33 24.12 -24.43
C ASP D 114 -7.56 22.77 -23.76
N PHE D 115 -8.08 22.80 -22.55
CA PHE D 115 -8.26 21.59 -21.75
C PHE D 115 -9.16 20.62 -22.49
N HIS D 116 -10.13 21.15 -23.23
CA HIS D 116 -11.07 20.30 -23.96
C HIS D 116 -10.46 19.57 -25.15
N GLY D 117 -9.58 20.24 -25.89
CA GLY D 117 -8.96 19.60 -27.02
C GLY D 117 -7.83 18.65 -26.68
N PHE D 118 -7.19 18.83 -25.54
CA PHE D 118 -5.98 18.07 -25.23
C PHE D 118 -6.27 16.57 -25.28
N PRO D 119 -7.27 16.09 -24.51
CA PRO D 119 -7.51 14.64 -24.59
C PRO D 119 -8.04 14.22 -25.97
N ARG D 120 -8.63 15.15 -26.70
CA ARG D 120 -9.20 14.86 -28.00
C ARG D 120 -8.10 14.64 -29.01
N TYR D 121 -7.09 15.51 -28.97
CA TYR D 121 -5.93 15.35 -29.84
C TYR D 121 -5.02 14.22 -29.36
N LEU D 122 -4.88 14.04 -28.05
CA LEU D 122 -4.04 12.96 -27.54
C LEU D 122 -4.57 11.63 -28.05
N VAL D 123 -5.89 11.42 -27.96
CA VAL D 123 -6.41 10.12 -28.35
C VAL D 123 -6.36 10.02 -29.87
N GLY D 124 -6.57 11.15 -30.55
CA GLY D 124 -6.38 11.24 -31.98
C GLY D 124 -5.03 10.72 -32.42
N MET D 125 -3.99 11.22 -31.75
CA MET D 125 -2.61 10.84 -32.05
C MET D 125 -2.39 9.36 -31.75
N LEU D 126 -2.80 8.94 -30.55
CA LEU D 126 -2.58 7.57 -30.10
C LEU D 126 -3.39 6.54 -30.85
N ARG D 127 -4.66 6.84 -31.12
CA ARG D 127 -5.53 5.93 -31.85
C ARG D 127 -5.06 5.74 -33.28
N ASP D 128 -4.59 6.83 -33.86
CA ASP D 128 -3.99 6.82 -35.16
C ASP D 128 -2.79 5.82 -35.22
N ILE D 129 -1.97 5.79 -34.16
CA ILE D 129 -0.82 4.87 -34.09
C ILE D 129 -1.31 3.43 -33.97
N ALA D 130 -2.27 3.24 -33.08
CA ALA D 130 -2.85 1.93 -32.84
C ALA D 130 -3.57 1.41 -34.08
N ASP D 131 -4.15 2.31 -34.85
CA ASP D 131 -4.83 1.93 -36.08
C ASP D 131 -3.87 1.62 -37.22
N GLY D 132 -2.61 2.00 -37.09
CA GLY D 132 -1.67 1.77 -38.17
C GLY D 132 -1.67 2.87 -39.20
N ALA D 133 -2.42 3.94 -38.93
CA ALA D 133 -2.48 5.04 -39.89
C ALA D 133 -1.37 6.05 -39.63
N SER D 134 -0.56 5.79 -38.62
CA SER D 134 0.43 6.77 -38.20
C SER D 134 1.81 6.26 -38.59
N ALA D 135 2.69 7.19 -38.94
CA ALA D 135 4.11 6.91 -39.09
C ALA D 135 4.82 6.83 -37.75
N TYR D 136 4.12 7.26 -36.70
CA TYR D 136 4.72 7.36 -35.38
C TYR D 136 4.69 6.04 -34.63
N GLU D 137 5.57 5.96 -33.64
CA GLU D 137 5.60 4.83 -32.74
C GLU D 137 5.44 5.26 -31.28
N LEU D 138 5.00 4.31 -30.46
CA LEU D 138 4.81 4.55 -29.04
C LEU D 138 5.92 3.96 -28.20
N SER D 139 6.40 4.74 -27.25
CA SER D 139 7.45 4.32 -26.32
C SER D 139 7.11 4.63 -24.87
N PHE D 140 7.50 3.72 -23.99
CA PHE D 140 7.30 3.88 -22.54
C PHE D 140 8.51 3.51 -21.70
N VAL D 141 9.11 4.51 -21.06
CA VAL D 141 10.32 4.29 -20.26
C VAL D 141 10.11 4.44 -18.75
N LEU D 142 10.30 3.35 -18.00
CA LEU D 142 10.21 3.35 -16.54
C LEU D 142 11.44 3.99 -15.88
N ASN D 143 11.27 4.51 -14.66
CA ASN D 143 12.37 5.13 -13.94
C ASN D 143 13.29 4.15 -13.20
N SER D 144 13.10 2.85 -13.39
CA SER D 144 14.10 1.91 -12.86
C SER D 144 14.15 0.57 -13.61
N ALA D 145 15.00 -0.32 -13.11
CA ALA D 145 15.31 -1.56 -13.81
C ALA D 145 14.28 -2.65 -13.54
N ALA D 146 13.50 -2.47 -12.47
CA ALA D 146 12.43 -3.42 -12.20
C ALA D 146 11.12 -2.68 -11.95
N VAL D 147 10.01 -3.36 -12.22
CA VAL D 147 8.68 -2.80 -12.01
C VAL D 147 8.32 -2.54 -10.55
N GLY D 148 8.74 -3.44 -9.66
CA GLY D 148 8.49 -3.31 -8.23
C GLY D 148 9.13 -2.11 -7.58
N ASP D 149 10.26 -1.67 -8.14
CA ASP D 149 11.00 -0.54 -7.60
C ASP D 149 10.67 0.75 -8.35
N SER D 150 9.99 0.64 -9.49
CA SER D 150 9.62 1.85 -10.20
C SER D 150 8.36 2.44 -9.59
N ASN D 151 8.20 3.74 -9.77
CA ASN D 151 6.96 4.45 -9.48
C ASN D 151 6.41 5.31 -10.61
N ARG D 152 7.02 5.25 -11.79
CA ARG D 152 6.59 6.12 -12.87
C ARG D 152 7.20 5.73 -14.18
N GLY D 153 6.66 6.28 -15.26
CA GLY D 153 7.18 6.00 -16.57
C GLY D 153 6.85 7.18 -17.44
N THR D 154 7.64 7.39 -18.49
CA THR D 154 7.39 8.49 -19.39
C THR D 154 6.95 7.83 -20.68
N LEU D 155 5.76 8.17 -21.13
CA LEU D 155 5.20 7.60 -22.34
C LEU D 155 5.40 8.66 -23.43
N ARG D 156 6.01 8.28 -24.53
CA ARG D 156 6.35 9.22 -25.58
C ARG D 156 5.85 8.76 -26.94
N VAL D 157 5.39 9.73 -27.73
CA VAL D 157 5.10 9.52 -29.14
C VAL D 157 6.26 10.01 -29.99
N LEU D 158 6.90 9.05 -30.66
CA LEU D 158 8.17 9.29 -31.35
C LEU D 158 8.05 9.12 -32.86
N GLU D 159 8.69 10.03 -33.58
CA GLU D 159 8.83 9.95 -35.03
C GLU D 159 10.26 9.63 -35.43
N THR D 160 10.45 8.59 -36.25
CA THR D 160 11.76 8.33 -36.82
C THR D 160 11.94 9.03 -38.17
N THR D 161 13.03 9.79 -38.29
CA THR D 161 13.44 10.40 -39.55
C THR D 161 14.83 9.91 -39.90
N ASP D 162 15.30 10.26 -41.08
CA ASP D 162 16.64 9.88 -41.47
C ASP D 162 17.62 10.54 -40.51
N PHE D 163 17.36 11.80 -40.15
CA PHE D 163 18.25 12.54 -39.27
C PHE D 163 18.22 12.03 -37.83
N LYS D 164 17.02 11.82 -37.30
CA LYS D 164 16.87 11.57 -35.87
C LYS D 164 15.46 11.15 -35.47
N THR D 165 15.32 10.60 -34.27
CA THR D 165 14.01 10.46 -33.66
C THR D 165 13.52 11.86 -33.23
N VAL D 166 12.29 12.20 -33.62
CA VAL D 166 11.70 13.47 -33.23
C VAL D 166 10.53 13.28 -32.26
N GLU D 167 10.62 13.90 -31.09
CA GLU D 167 9.61 13.71 -30.06
C GLU D 167 8.44 14.65 -30.28
N HIS D 168 7.25 14.05 -30.37
CA HIS D 168 6.01 14.79 -30.51
C HIS D 168 5.29 15.12 -29.20
N ILE D 169 5.29 14.19 -28.25
CA ILE D 169 4.76 14.51 -26.91
C ILE D 169 5.30 13.59 -25.81
N SER D 170 5.30 14.12 -24.59
CA SER D 170 5.81 13.42 -23.43
C SER D 170 4.92 13.64 -22.21
N LEU D 171 4.66 12.54 -21.52
CA LEU D 171 3.74 12.52 -20.38
C LEU D 171 4.29 11.62 -19.29
N VAL D 172 4.36 12.11 -18.06
CA VAL D 172 4.78 11.25 -16.97
C VAL D 172 3.54 10.59 -16.41
N LEU D 173 3.60 9.28 -16.21
CA LEU D 173 2.47 8.53 -15.70
C LEU D 173 2.88 7.87 -14.39
N LEU D 174 2.06 7.97 -13.36
CA LEU D 174 2.46 7.36 -12.09
C LEU D 174 1.93 5.92 -11.92
N ARG D 175 2.76 5.02 -11.41
CA ARG D 175 2.27 3.67 -11.12
C ARG D 175 1.27 3.77 -9.97
N GLN D 176 0.19 2.99 -10.00
CA GLN D 176 -0.83 3.10 -8.96
C GLN D 176 -0.49 2.37 -7.65
N GLY D 177 -1.04 2.90 -6.56
CA GLY D 177 -1.00 2.28 -5.25
C GLY D 177 -2.04 1.18 -5.11
N ASP D 178 -1.80 0.25 -4.18
CA ASP D 178 -2.61 -0.95 -4.08
C ASP D 178 -4.10 -0.69 -3.93
N ALA D 179 -4.48 0.18 -2.99
CA ALA D 179 -5.88 0.47 -2.75
C ALA D 179 -6.55 0.96 -4.03
N GLY D 180 -5.87 1.86 -4.73
CA GLY D 180 -6.32 2.32 -6.03
C GLY D 180 -6.45 1.17 -7.00
N LEU D 181 -5.42 0.33 -7.02
CA LEU D 181 -5.38 -0.83 -7.91
C LEU D 181 -6.51 -1.82 -7.62
N LYS D 182 -6.78 -2.09 -6.35
CA LYS D 182 -7.86 -3.01 -5.99
C LYS D 182 -9.17 -2.55 -6.60
N ARG D 183 -9.41 -1.25 -6.54
CA ARG D 183 -10.61 -0.68 -7.13
C ARG D 183 -10.61 -0.98 -8.62
N TYR D 184 -9.47 -0.76 -9.28
CA TYR D 184 -9.35 -1.02 -10.71
C TYR D 184 -9.78 -2.44 -11.07
N LEU D 185 -9.21 -3.40 -10.36
CA LEU D 185 -9.53 -4.79 -10.63
C LEU D 185 -11.01 -5.02 -10.29
N ALA D 186 -11.38 -4.68 -9.06
CA ALA D 186 -12.76 -4.81 -8.61
C ALA D 186 -13.73 -4.14 -9.58
N GLU D 187 -13.34 -2.97 -10.09
CA GLU D 187 -14.17 -2.24 -11.04
C GLU D 187 -14.35 -3.08 -12.30
N ARG D 188 -13.23 -3.50 -12.86
CA ARG D 188 -13.25 -4.30 -14.08
C ARG D 188 -13.84 -5.69 -13.80
N PHE D 189 -13.63 -6.19 -12.58
CA PHE D 189 -14.28 -7.42 -12.13
C PHE D 189 -15.79 -7.29 -12.29
N GLN D 190 -16.38 -6.32 -11.62
CA GLN D 190 -17.82 -6.15 -11.63
C GLN D 190 -18.33 -5.85 -13.03
N HIS D 191 -17.55 -5.10 -13.79
CA HIS D 191 -17.93 -4.68 -15.14
C HIS D 191 -18.24 -5.90 -16.01
N TYR D 192 -17.25 -6.76 -16.20
CA TYR D 192 -17.39 -7.88 -17.11
C TYR D 192 -18.33 -8.96 -16.58
N GLU D 193 -18.54 -9.02 -15.28
CA GLU D 193 -19.51 -9.97 -14.76
C GLU D 193 -20.90 -9.59 -15.26
N GLN D 194 -21.23 -8.31 -15.19
CA GLN D 194 -22.52 -7.84 -15.72
C GLN D 194 -22.57 -8.11 -17.22
N SER D 195 -21.51 -7.74 -17.93
CA SER D 195 -21.44 -7.88 -19.37
C SER D 195 -21.62 -9.33 -19.83
N PHE D 196 -21.13 -10.28 -19.02
CA PHE D 196 -21.33 -11.69 -19.33
C PHE D 196 -22.81 -12.04 -19.23
N ARG D 197 -23.42 -11.68 -18.11
CA ARG D 197 -24.84 -11.91 -17.87
C ARG D 197 -25.69 -11.29 -18.97
N ALA D 198 -25.29 -10.09 -19.42
CA ALA D 198 -26.01 -9.37 -20.46
C ALA D 198 -26.03 -10.13 -21.78
N SER D 199 -24.93 -10.82 -22.09
CA SER D 199 -24.84 -11.64 -23.30
C SER D 199 -25.62 -12.94 -23.14
N GLU D 200 -25.86 -13.34 -21.90
CA GLU D 200 -26.76 -14.44 -21.63
C GLU D 200 -28.19 -14.02 -21.97
N ALA D 201 -28.52 -12.77 -21.66
CA ALA D 201 -29.83 -12.20 -21.96
C ALA D 201 -30.04 -12.03 -23.45
N SER D 202 -29.04 -11.50 -24.15
CA SER D 202 -29.11 -11.32 -25.60
C SER D 202 -29.18 -12.66 -26.32
N ARG D 203 -28.39 -13.62 -25.89
CA ARG D 203 -28.43 -14.95 -26.49
C ARG D 203 -29.79 -15.57 -26.27
N ALA D 204 -30.33 -15.44 -25.06
CA ALA D 204 -31.63 -16.03 -24.75
C ALA D 204 -32.80 -15.43 -25.53
N VAL D 205 -32.82 -14.11 -25.69
CA VAL D 205 -33.91 -13.46 -26.43
C VAL D 205 -33.87 -13.74 -27.94
N ILE D 206 -32.70 -13.61 -28.56
CA ILE D 206 -32.56 -13.74 -30.00
C ILE D 206 -32.65 -15.21 -30.42
N THR D 207 -32.21 -16.12 -29.55
CA THR D 207 -32.36 -17.55 -29.82
C THR D 207 -33.83 -17.86 -29.98
N ALA D 208 -34.67 -17.21 -29.18
CA ALA D 208 -36.09 -17.48 -29.11
C ALA D 208 -36.87 -16.84 -30.24
N GLU D 209 -36.52 -15.60 -30.60
CA GLU D 209 -37.19 -14.90 -31.69
C GLU D 209 -37.06 -15.66 -33.00
N LEU D 210 -35.83 -16.01 -33.32
CA LEU D 210 -35.51 -16.60 -34.61
C LEU D 210 -35.84 -18.09 -34.65
N GLN D 211 -35.85 -18.74 -33.48
CA GLN D 211 -36.26 -20.15 -33.38
C GLN D 211 -37.76 -20.25 -33.58
N GLU D 212 -38.47 -19.21 -33.12
CA GLU D 212 -39.91 -19.11 -33.31
C GLU D 212 -40.22 -18.79 -34.78
N LYS D 213 -39.31 -18.09 -35.43
CA LYS D 213 -39.46 -17.75 -36.84
C LYS D 213 -39.41 -18.94 -37.77
N ILE D 214 -38.70 -20.00 -37.37
CA ILE D 214 -38.63 -21.19 -38.19
C ILE D 214 -40.05 -21.76 -38.34
N GLY D 215 -40.80 -21.77 -37.25
CA GLY D 215 -42.16 -22.26 -37.25
C GLY D 215 -43.16 -21.50 -38.11
N ASP D 216 -43.02 -20.18 -38.20
CA ASP D 216 -43.88 -19.38 -39.09
C ASP D 216 -43.59 -19.72 -40.54
N LEU D 217 -42.32 -19.63 -40.89
CA LEU D 217 -41.84 -19.90 -42.24
C LEU D 217 -41.93 -21.40 -42.58
N GLN D 218 -42.11 -22.23 -41.56
CA GLN D 218 -42.41 -23.64 -41.77
C GLN D 218 -43.82 -23.81 -42.34
N ALA D 219 -44.74 -22.99 -41.85
CA ALA D 219 -46.12 -22.97 -42.35
C ALA D 219 -46.22 -22.32 -43.73
N ALA D 220 -45.29 -21.42 -44.02
CA ALA D 220 -45.22 -20.79 -45.33
C ALA D 220 -44.72 -21.77 -46.37
N ASN D 221 -43.88 -22.69 -45.92
CA ASN D 221 -43.42 -23.79 -46.75
C ASN D 221 -44.59 -24.73 -47.03
N ASP D 222 -45.42 -24.93 -46.01
CA ASP D 222 -46.61 -25.78 -46.12
C ASP D 222 -47.61 -25.22 -47.12
N ALA D 223 -47.65 -23.90 -47.25
CA ALA D 223 -48.50 -23.23 -48.22
C ALA D 223 -48.12 -23.59 -49.65
N GLU E 36 41.84 21.19 -44.12
CA GLU E 36 40.58 20.94 -44.83
C GLU E 36 39.31 21.71 -44.42
N PRO E 37 39.42 22.94 -43.87
CA PRO E 37 38.13 23.49 -43.44
C PRO E 37 37.16 23.66 -44.61
N GLN E 38 35.85 23.65 -44.31
CA GLN E 38 34.83 23.64 -45.35
C GLN E 38 33.61 24.26 -44.72
N THR E 39 33.12 25.33 -45.33
CA THR E 39 31.84 25.95 -45.02
C THR E 39 30.62 25.28 -45.65
N LEU E 40 29.74 24.68 -44.84
CA LEU E 40 28.52 24.10 -45.40
C LEU E 40 27.37 25.09 -45.51
N LEU E 41 27.45 26.20 -44.78
CA LEU E 41 26.35 27.15 -44.75
C LEU E 41 26.78 28.50 -44.22
N GLU E 42 26.33 29.54 -44.89
CA GLU E 42 26.59 30.91 -44.47
C GLU E 42 25.52 31.79 -45.07
N THR E 43 24.48 32.07 -44.29
CA THR E 43 23.30 32.73 -44.79
C THR E 43 22.58 33.45 -43.66
N THR E 44 21.51 34.16 -44.02
CA THR E 44 20.70 34.88 -43.04
C THR E 44 19.32 34.23 -42.96
N VAL E 45 18.70 34.29 -41.80
CA VAL E 45 17.40 33.67 -41.58
C VAL E 45 16.70 34.36 -40.41
N MET E 46 15.38 34.51 -40.52
CA MET E 46 14.57 35.13 -39.49
C MET E 46 14.52 34.21 -38.28
N VAL E 47 14.73 34.78 -37.10
CA VAL E 47 14.79 34.00 -35.88
C VAL E 47 14.02 34.66 -34.74
N SER E 48 13.25 33.85 -34.03
CA SER E 48 12.55 34.29 -32.85
C SER E 48 13.47 34.30 -31.67
N THR E 49 13.86 35.49 -31.23
CA THR E 49 14.87 35.59 -30.20
C THR E 49 14.12 36.07 -28.98
N LYS E 50 14.50 35.55 -27.83
CA LYS E 50 13.72 35.78 -26.64
C LYS E 50 14.65 36.03 -25.48
N MET E 51 14.47 37.15 -24.81
CA MET E 51 15.26 37.39 -23.62
C MET E 51 14.36 37.45 -22.40
N PRO E 52 14.06 36.27 -21.80
CA PRO E 52 13.15 36.23 -20.65
C PRO E 52 13.61 37.17 -19.52
N PRO E 53 12.68 37.91 -18.90
CA PRO E 53 11.24 37.77 -19.11
C PRO E 53 10.65 38.62 -20.23
N HIS E 54 11.46 39.38 -20.97
CA HIS E 54 10.91 40.21 -22.06
C HIS E 54 10.11 39.37 -23.03
N GLU E 55 9.26 40.03 -23.80
CA GLU E 55 8.49 39.33 -24.81
C GLU E 55 9.45 38.97 -25.93
N PRO E 56 9.32 37.77 -26.50
CA PRO E 56 10.18 37.46 -27.64
C PRO E 56 9.95 38.43 -28.78
N GLN E 57 10.95 38.62 -29.64
CA GLN E 57 10.72 39.36 -30.87
C GLN E 57 11.58 38.83 -32.04
N VAL E 58 10.95 38.74 -33.22
CA VAL E 58 11.61 38.27 -34.44
C VAL E 58 12.55 39.28 -35.09
N ARG E 59 13.76 38.83 -35.33
CA ARG E 59 14.82 39.63 -35.92
C ARG E 59 15.59 38.79 -36.96
N PRO E 60 16.22 39.44 -37.95
CA PRO E 60 17.09 38.64 -38.83
C PRO E 60 18.47 38.34 -38.23
N LEU E 61 18.85 37.07 -38.31
CA LEU E 61 20.13 36.61 -37.77
C LEU E 61 20.96 35.83 -38.79
N GLY E 62 22.28 35.92 -38.63
CA GLY E 62 23.23 35.16 -39.40
C GLY E 62 23.50 33.75 -38.91
N VAL E 63 23.64 32.82 -39.86
CA VAL E 63 23.90 31.42 -39.56
C VAL E 63 25.06 30.97 -40.43
N TYR E 64 26.07 30.41 -39.77
CA TYR E 64 27.29 29.98 -40.44
C TYR E 64 27.54 28.59 -39.86
N VAL E 65 27.79 27.62 -40.74
CA VAL E 65 28.04 26.24 -40.30
C VAL E 65 29.24 25.66 -41.01
N ARG E 66 30.20 25.20 -40.21
CA ARG E 66 31.53 24.89 -40.68
C ARG E 66 32.16 23.64 -40.13
N THR E 67 32.74 22.84 -41.02
CA THR E 67 33.53 21.70 -40.62
C THR E 67 34.98 22.12 -40.83
N GLY E 68 35.90 21.43 -40.19
CA GLY E 68 37.29 21.85 -40.20
C GLY E 68 38.08 21.11 -39.17
N ARG E 69 39.19 21.69 -38.72
CA ARG E 69 40.02 20.95 -37.80
C ARG E 69 40.14 21.73 -36.50
N GLY E 70 40.08 21.05 -35.36
CA GLY E 70 40.26 21.73 -34.10
C GLY E 70 40.49 20.80 -32.93
N GLY E 71 40.15 21.28 -31.73
CA GLY E 71 40.29 20.47 -30.54
C GLY E 71 41.61 20.65 -29.85
N PRO E 72 41.80 19.95 -28.73
CA PRO E 72 43.02 20.01 -27.91
C PRO E 72 44.27 19.99 -28.79
N ASN E 73 44.36 18.98 -29.65
CA ASN E 73 45.53 18.80 -30.49
C ASN E 73 45.41 19.25 -31.95
N GLY E 74 44.34 19.95 -32.28
CA GLY E 74 44.14 20.49 -33.61
C GLY E 74 44.14 19.47 -34.75
N VAL E 75 43.87 18.21 -34.45
CA VAL E 75 43.72 17.20 -35.50
C VAL E 75 42.40 16.48 -35.32
N THR E 76 41.55 17.02 -34.46
CA THR E 76 40.21 16.50 -34.31
C THR E 76 39.28 17.20 -35.28
N ARG E 77 38.46 16.40 -35.95
CA ARG E 77 37.36 16.87 -36.76
C ARG E 77 36.38 17.68 -35.92
N VAL E 78 36.00 18.86 -36.41
CA VAL E 78 35.00 19.67 -35.71
C VAL E 78 33.83 20.05 -36.60
N VAL E 79 32.69 20.23 -35.95
CA VAL E 79 31.55 20.92 -36.53
C VAL E 79 31.34 22.21 -35.76
N LEU E 80 31.22 23.31 -36.50
CA LEU E 80 30.95 24.61 -35.90
C LEU E 80 29.61 25.14 -36.37
N VAL E 81 28.85 25.63 -35.40
CA VAL E 81 27.59 26.30 -35.65
C VAL E 81 27.78 27.71 -35.09
N ARG E 82 27.53 28.71 -35.93
CA ARG E 82 27.76 30.11 -35.55
C ARG E 82 26.51 30.93 -35.79
N LEU E 83 26.15 31.72 -34.79
CA LEU E 83 24.96 32.54 -34.83
C LEU E 83 25.36 34.01 -34.64
N THR E 84 24.94 34.87 -35.55
CA THR E 84 25.39 36.25 -35.51
C THR E 84 24.20 37.20 -35.75
N ASP E 85 24.44 38.50 -35.53
CA ASP E 85 23.43 39.54 -35.71
C ASP E 85 24.00 40.72 -36.47
N PRO E 86 23.54 40.93 -37.71
CA PRO E 86 24.09 41.99 -38.54
C PRO E 86 23.95 43.39 -37.91
N THR E 87 22.94 43.56 -37.07
CA THR E 87 22.74 44.82 -36.36
C THR E 87 23.60 44.98 -35.09
N ASP E 88 24.37 43.96 -34.74
CA ASP E 88 25.14 43.94 -33.48
C ASP E 88 26.43 43.11 -33.54
N PRO E 89 27.59 43.78 -33.65
CA PRO E 89 28.85 43.04 -33.79
C PRO E 89 29.18 42.13 -32.59
N PHE E 90 28.68 42.48 -31.41
CA PHE E 90 28.91 41.72 -30.18
C PHE E 90 28.02 40.49 -30.00
N PHE E 91 26.97 40.40 -30.81
CA PHE E 91 26.08 39.23 -30.80
C PHE E 91 26.72 38.08 -31.53
N LEU E 92 27.37 37.21 -30.77
CA LEU E 92 28.19 36.16 -31.33
C LEU E 92 28.18 34.94 -30.43
N PHE E 93 27.48 33.92 -30.92
CA PHE E 93 27.18 32.74 -30.14
C PHE E 93 27.55 31.63 -31.05
N GLU E 94 28.12 30.63 -30.42
CA GLU E 94 28.74 29.52 -31.14
C GLU E 94 28.53 28.17 -30.43
N LEU E 95 28.41 27.14 -31.25
CA LEU E 95 28.54 25.79 -30.76
C LEU E 95 29.70 25.17 -31.54
N GLU E 96 30.69 24.73 -30.78
CA GLU E 96 31.80 23.99 -31.32
C GLU E 96 31.71 22.58 -30.78
N LEU E 97 31.71 21.62 -31.69
CA LEU E 97 31.55 20.22 -31.34
C LEU E 97 32.68 19.31 -31.83
N LEU E 98 33.32 18.57 -30.93
CA LEU E 98 34.42 17.71 -31.35
C LEU E 98 33.94 16.28 -31.64
N GLU E 99 34.55 15.65 -32.63
CA GLU E 99 34.16 14.29 -33.03
C GLU E 99 34.27 13.29 -31.88
N ASP E 100 35.23 13.51 -30.99
CA ASP E 100 35.40 12.65 -29.82
C ASP E 100 34.20 12.71 -28.87
N ASP E 101 33.63 13.91 -28.77
CA ASP E 101 32.49 14.17 -27.89
C ASP E 101 31.13 13.74 -28.42
N TYR E 102 31.06 13.28 -29.66
CA TYR E 102 29.81 13.12 -30.39
C TYR E 102 28.88 12.02 -29.88
N ASN E 103 29.43 10.88 -29.47
CA ASN E 103 28.57 9.79 -28.98
C ASN E 103 27.67 10.25 -27.83
N ALA E 104 28.18 11.11 -26.96
CA ALA E 104 27.37 11.62 -25.86
C ALA E 104 26.27 12.50 -26.46
N PHE E 105 26.69 13.34 -27.40
CA PHE E 105 25.83 14.25 -28.14
C PHE E 105 24.71 13.49 -28.87
N LYS E 106 25.11 12.43 -29.58
CA LYS E 106 24.19 11.61 -30.35
C LYS E 106 23.13 10.96 -29.47
N GLN E 107 23.56 10.53 -28.30
CA GLN E 107 22.69 9.91 -27.32
C GLN E 107 21.74 10.89 -26.70
N HIS E 108 22.26 12.04 -26.29
CA HIS E 108 21.47 13.07 -25.62
C HIS E 108 20.38 13.61 -26.54
N LEU E 109 20.70 13.76 -27.83
CA LEU E 109 19.74 14.35 -28.76
C LEU E 109 19.00 13.33 -29.60
N GLU E 110 19.31 12.06 -29.41
CA GLU E 110 18.69 10.97 -30.17
C GLU E 110 18.85 11.11 -31.68
N LEU E 111 20.07 11.44 -32.12
CA LEU E 111 20.38 11.57 -33.54
C LEU E 111 20.57 10.17 -34.10
N LEU E 112 20.37 9.98 -35.40
CA LEU E 112 20.45 8.65 -36.01
C LEU E 112 21.42 8.61 -37.20
N VAL E 113 22.29 9.61 -37.27
CA VAL E 113 23.35 9.68 -38.26
C VAL E 113 24.73 9.81 -37.61
N ASP E 114 25.75 9.56 -38.40
CA ASP E 114 27.13 9.66 -37.92
C ASP E 114 27.63 11.10 -37.95
N PHE E 115 28.88 11.29 -37.53
CA PHE E 115 29.48 12.61 -37.37
C PHE E 115 29.47 13.31 -38.73
N HIS E 116 29.64 12.55 -39.81
CA HIS E 116 29.67 13.11 -41.15
C HIS E 116 28.33 13.65 -41.59
N GLY E 117 27.27 12.94 -41.24
CA GLY E 117 25.93 13.36 -41.59
C GLY E 117 25.32 14.45 -40.71
N PHE E 118 25.79 14.58 -39.47
CA PHE E 118 25.13 15.48 -38.53
C PHE E 118 25.11 16.90 -39.10
N PRO E 119 26.28 17.44 -39.48
CA PRO E 119 26.19 18.80 -40.05
C PRO E 119 25.48 18.82 -41.39
N ARG E 120 25.40 17.70 -42.11
CA ARG E 120 24.73 17.76 -43.41
C ARG E 120 23.23 17.87 -43.23
N TYR E 121 22.71 17.09 -42.28
CA TYR E 121 21.31 17.16 -41.94
C TYR E 121 20.97 18.43 -41.16
N LEU E 122 21.87 18.87 -40.27
CA LEU E 122 21.61 20.11 -39.53
C LEU E 122 21.48 21.24 -40.55
N VAL E 123 22.41 21.30 -41.50
CA VAL E 123 22.43 22.39 -42.45
C VAL E 123 21.28 22.20 -43.42
N GLY E 124 21.00 20.94 -43.73
CA GLY E 124 19.83 20.58 -44.51
C GLY E 124 18.58 21.21 -43.96
N MET E 125 18.39 21.03 -42.66
CA MET E 125 17.24 21.54 -41.94
C MET E 125 17.20 23.08 -41.93
N LEU E 126 18.32 23.70 -41.56
CA LEU E 126 18.40 25.15 -41.45
C LEU E 126 18.30 25.82 -42.82
N ARG E 127 18.98 25.24 -43.80
CA ARG E 127 18.97 25.76 -45.17
C ARG E 127 17.61 25.66 -45.81
N ASP E 128 16.94 24.57 -45.50
CA ASP E 128 15.56 24.38 -45.87
C ASP E 128 14.68 25.52 -45.35
N ILE E 129 14.96 25.93 -44.11
CA ILE E 129 14.23 27.04 -43.50
C ILE E 129 14.51 28.42 -44.10
N ALA E 130 15.78 28.71 -44.30
CA ALA E 130 16.19 29.99 -44.87
C ALA E 130 15.69 30.20 -46.29
N ASP E 131 15.60 29.11 -47.05
CA ASP E 131 15.10 29.19 -48.41
C ASP E 131 13.58 29.32 -48.48
N GLY E 132 12.90 29.07 -47.37
CA GLY E 132 11.45 29.15 -47.40
C GLY E 132 10.80 27.85 -47.84
N ALA E 133 11.60 26.80 -48.01
CA ALA E 133 11.04 25.53 -48.44
C ALA E 133 10.59 24.70 -47.24
N SER E 134 10.78 25.24 -46.04
CA SER E 134 10.52 24.46 -44.85
C SER E 134 9.27 25.03 -44.19
N ALA E 135 8.48 24.15 -43.57
CA ALA E 135 7.38 24.52 -42.69
C ALA E 135 7.85 24.95 -41.30
N TYR E 136 9.11 24.69 -41.01
CA TYR E 136 9.64 24.92 -39.68
C TYR E 136 10.08 26.35 -39.41
N GLU E 137 10.18 26.67 -38.13
CA GLU E 137 10.68 27.96 -37.69
C GLU E 137 11.88 27.87 -36.77
N LEU E 138 12.62 28.97 -36.71
CA LEU E 138 13.81 29.10 -35.85
C LEU E 138 13.54 29.92 -34.59
N SER E 139 14.02 29.40 -33.45
CA SER E 139 13.88 30.08 -32.17
C SER E 139 15.19 30.11 -31.39
N PHE E 140 15.44 31.23 -30.70
CA PHE E 140 16.64 31.36 -29.88
C PHE E 140 16.36 32.00 -28.51
N VAL E 141 16.50 31.21 -27.44
CA VAL E 141 16.21 31.72 -26.10
C VAL E 141 17.43 31.89 -25.20
N LEU E 142 17.74 33.13 -24.82
CA LEU E 142 18.84 33.45 -23.92
C LEU E 142 18.55 33.13 -22.45
N ASN E 143 19.60 32.92 -21.67
CA ASN E 143 19.46 32.63 -20.25
C ASN E 143 19.28 33.86 -19.35
N SER E 144 19.11 35.04 -19.97
CA SER E 144 18.73 36.22 -19.20
C SER E 144 17.98 37.27 -20.04
N ALA E 145 17.66 38.41 -19.41
CA ALA E 145 16.80 39.41 -20.04
C ALA E 145 17.54 40.37 -20.95
N ALA E 146 18.86 40.40 -20.81
CA ALA E 146 19.70 41.21 -21.69
C ALA E 146 20.84 40.39 -22.25
N VAL E 147 21.33 40.81 -23.41
CA VAL E 147 22.45 40.16 -24.08
C VAL E 147 23.76 40.29 -23.27
N GLY E 148 23.96 41.45 -22.64
CA GLY E 148 25.13 41.69 -21.82
C GLY E 148 25.27 40.78 -20.61
N ASP E 149 24.18 40.28 -20.03
CA ASP E 149 24.26 39.39 -18.87
C ASP E 149 24.19 37.93 -19.28
N SER E 150 23.83 37.66 -20.54
CA SER E 150 23.79 36.26 -20.95
C SER E 150 25.19 35.76 -21.31
N ASN E 151 25.34 34.46 -21.18
CA ASN E 151 26.46 33.71 -21.67
C ASN E 151 26.09 32.53 -22.54
N ARG E 152 24.80 32.42 -22.85
CA ARG E 152 24.31 31.29 -23.62
C ARG E 152 22.88 31.44 -24.11
N GLY E 153 22.51 30.59 -25.05
CA GLY E 153 21.18 30.60 -25.63
C GLY E 153 20.82 29.23 -26.16
N THR E 154 19.54 28.94 -26.26
CA THR E 154 19.11 27.65 -26.78
C THR E 154 18.45 27.91 -28.13
N LEU E 155 19.00 27.30 -29.17
CA LEU E 155 18.51 27.43 -30.53
C LEU E 155 17.65 26.23 -30.90
N ARG E 156 16.42 26.49 -31.33
CA ARG E 156 15.49 25.40 -31.63
C ARG E 156 14.86 25.50 -33.00
N VAL E 157 14.68 24.34 -33.62
CA VAL E 157 13.88 24.18 -34.82
C VAL E 157 12.51 23.65 -34.46
N LEU E 158 11.49 24.48 -34.68
CA LEU E 158 10.15 24.21 -34.18
C LEU E 158 9.17 23.98 -35.32
N GLU E 159 8.31 23.00 -35.12
CA GLU E 159 7.19 22.69 -35.99
C GLU E 159 5.91 23.07 -35.30
N THR E 160 5.08 23.86 -35.97
CA THR E 160 3.75 24.14 -35.45
C THR E 160 2.74 23.12 -35.95
N THR E 161 2.01 22.54 -35.02
CA THR E 161 0.88 21.67 -35.33
C THR E 161 -0.35 22.26 -34.69
N ASP E 162 -1.51 21.69 -34.99
CA ASP E 162 -2.73 22.15 -34.38
C ASP E 162 -2.67 21.89 -32.87
N PHE E 163 -2.14 20.72 -32.51
CA PHE E 163 -2.04 20.30 -31.12
C PHE E 163 -1.00 21.09 -30.30
N LYS E 164 0.19 21.29 -30.86
CA LYS E 164 1.31 21.80 -30.08
C LYS E 164 2.52 22.17 -30.95
N THR E 165 3.45 22.91 -30.38
CA THR E 165 4.77 23.06 -30.98
C THR E 165 5.52 21.73 -30.84
N VAL E 166 6.06 21.22 -31.94
CA VAL E 166 6.86 20.01 -31.91
C VAL E 166 8.31 20.34 -32.18
N GLU E 167 9.17 19.99 -31.24
CA GLU E 167 10.59 20.33 -31.34
C GLU E 167 11.33 19.28 -32.17
N HIS E 168 12.00 19.74 -33.21
CA HIS E 168 12.84 18.90 -34.07
C HIS E 168 14.32 18.79 -33.68
N ILE E 169 14.92 19.90 -33.26
CA ILE E 169 16.27 19.81 -32.72
C ILE E 169 16.58 20.99 -31.80
N SER E 170 17.52 20.77 -30.88
CA SER E 170 17.91 21.76 -29.89
C SER E 170 19.41 21.75 -29.71
N LEU E 171 19.98 22.95 -29.67
CA LEU E 171 21.41 23.14 -29.59
C LEU E 171 21.71 24.29 -28.65
N VAL E 172 22.59 24.09 -27.68
CA VAL E 172 22.97 25.20 -26.81
C VAL E 172 24.20 25.90 -27.39
N LEU E 173 24.15 27.23 -27.46
CA LEU E 173 25.27 27.99 -28.01
C LEU E 173 25.81 28.94 -26.95
N LEU E 174 27.12 28.98 -26.79
CA LEU E 174 27.70 29.86 -25.77
C LEU E 174 28.11 31.24 -26.31
N ARG E 175 27.82 32.31 -25.56
CA ARG E 175 28.28 33.64 -25.96
C ARG E 175 29.80 33.65 -25.85
N GLN E 176 30.48 34.31 -26.79
CA GLN E 176 31.94 34.29 -26.77
C GLN E 176 32.57 35.25 -25.77
N GLY E 177 33.77 34.86 -25.34
CA GLY E 177 34.62 35.71 -24.52
C GLY E 177 35.29 36.74 -25.38
N ASP E 178 35.77 37.81 -24.75
CA ASP E 178 36.25 38.97 -25.47
C ASP E 178 37.31 38.63 -26.49
N ALA E 179 38.31 37.86 -26.07
CA ALA E 179 39.41 37.46 -26.93
C ALA E 179 38.93 36.69 -28.16
N GLY E 180 38.01 35.75 -27.93
CA GLY E 180 37.38 35.02 -29.01
C GLY E 180 36.70 35.96 -29.99
N LEU E 181 35.95 36.91 -29.43
CA LEU E 181 35.22 37.90 -30.22
C LEU E 181 36.12 38.81 -31.06
N LYS E 182 37.23 39.29 -30.48
CA LYS E 182 38.14 40.17 -31.21
C LYS E 182 38.57 39.49 -32.50
N ARG E 183 38.86 38.19 -32.39
CA ARG E 183 39.27 37.40 -33.54
C ARG E 183 38.18 37.38 -34.61
N TYR E 184 36.93 37.16 -34.20
CA TYR E 184 35.81 37.16 -35.14
C TYR E 184 35.72 38.44 -35.96
N LEU E 185 35.76 39.57 -35.27
CA LEU E 185 35.66 40.85 -35.93
C LEU E 185 36.86 41.07 -36.83
N ALA E 186 38.07 40.94 -36.27
CA ALA E 186 39.30 41.11 -37.03
C ALA E 186 39.30 40.25 -38.30
N GLU E 187 38.76 39.03 -38.19
CA GLU E 187 38.68 38.14 -39.34
C GLU E 187 37.78 38.76 -40.40
N ARG E 188 36.55 39.07 -39.98
CA ARG E 188 35.55 39.66 -40.86
C ARG E 188 35.96 41.05 -41.34
N PHE E 189 36.72 41.74 -40.49
CA PHE E 189 37.34 43.01 -40.86
C PHE E 189 38.14 42.83 -42.15
N GLN E 190 39.12 41.95 -42.09
CA GLN E 190 40.01 41.71 -43.20
C GLN E 190 39.33 41.09 -44.43
N HIS E 191 38.35 40.21 -44.21
CA HIS E 191 37.68 39.54 -45.32
C HIS E 191 37.11 40.55 -46.31
N TYR E 192 36.20 41.38 -45.82
CA TYR E 192 35.48 42.28 -46.70
C TYR E 192 36.39 43.39 -47.23
N GLU E 193 37.48 43.65 -46.52
CA GLU E 193 38.50 44.56 -47.04
C GLU E 193 39.10 43.96 -48.30
N GLN E 194 39.42 42.67 -48.24
CA GLN E 194 39.97 41.96 -49.38
C GLN E 194 39.00 41.99 -50.55
N SER E 195 37.77 41.59 -50.26
CA SER E 195 36.70 41.51 -51.25
C SER E 195 36.43 42.88 -51.88
N PHE E 196 36.62 43.93 -51.09
CA PHE E 196 36.49 45.29 -51.59
C PHE E 196 37.53 45.56 -52.66
N ARG E 197 38.78 45.27 -52.33
CA ARG E 197 39.90 45.46 -53.25
C ARG E 197 39.68 44.70 -54.55
N ALA E 198 39.20 43.47 -54.43
CA ALA E 198 38.94 42.62 -55.58
C ALA E 198 37.88 43.18 -56.50
N SER E 199 36.84 43.79 -55.92
CA SER E 199 35.77 44.39 -56.71
C SER E 199 36.24 45.69 -57.36
N GLU E 200 37.25 46.32 -56.77
CA GLU E 200 37.93 47.43 -57.42
C GLU E 200 38.76 46.92 -58.59
N ALA E 201 39.38 45.76 -58.39
CA ALA E 201 40.19 45.12 -59.42
C ALA E 201 39.34 44.66 -60.59
N SER E 202 38.21 44.02 -60.27
CA SER E 202 37.28 43.57 -61.29
C SER E 202 36.63 44.72 -62.06
N ARG E 203 36.22 45.76 -61.33
CA ARG E 203 35.60 46.91 -61.98
C ARG E 203 36.56 47.58 -62.95
N ALA E 204 37.81 47.74 -62.53
CA ALA E 204 38.81 48.38 -63.38
C ALA E 204 39.07 47.56 -64.65
N VAL E 205 39.09 46.24 -64.51
CA VAL E 205 39.30 45.35 -65.64
C VAL E 205 38.12 45.36 -66.62
N ILE E 206 36.90 45.25 -66.09
CA ILE E 206 35.73 45.16 -66.96
C ILE E 206 35.45 46.49 -67.61
N THR E 207 35.71 47.58 -66.88
CA THR E 207 35.57 48.90 -67.45
C THR E 207 36.53 49.05 -68.62
N ALA E 208 37.72 48.46 -68.48
CA ALA E 208 38.77 48.65 -69.48
C ALA E 208 38.57 47.77 -70.69
N GLU E 209 38.17 46.51 -70.47
CA GLU E 209 37.88 45.62 -71.59
C GLU E 209 36.74 46.17 -72.43
N LEU E 210 35.66 46.56 -71.74
CA LEU E 210 34.45 46.98 -72.42
C LEU E 210 34.55 48.39 -73.01
N GLN E 211 35.34 49.27 -72.39
CA GLN E 211 35.50 50.63 -72.91
C GLN E 211 36.34 50.64 -74.17
N GLU E 212 37.34 49.76 -74.22
CA GLU E 212 38.20 49.65 -75.39
C GLU E 212 37.43 48.98 -76.52
N LYS E 213 36.55 48.06 -76.16
CA LYS E 213 35.73 47.37 -77.16
C LYS E 213 34.69 48.32 -77.74
N ILE E 214 34.20 49.26 -76.93
CA ILE E 214 33.21 50.22 -77.41
C ILE E 214 33.77 51.14 -78.48
N GLY E 215 34.96 51.66 -78.23
CA GLY E 215 35.63 52.54 -79.17
C GLY E 215 35.92 51.85 -80.49
N ASP E 216 36.16 50.55 -80.43
CA ASP E 216 36.42 49.75 -81.63
C ASP E 216 35.22 49.68 -82.56
N LEU E 217 34.05 49.28 -82.06
CA LEU E 217 32.88 49.22 -82.92
C LEU E 217 32.44 50.64 -83.31
N GLN E 218 32.85 51.61 -82.50
CA GLN E 218 32.60 53.00 -82.82
C GLN E 218 33.48 53.51 -83.96
N ALA E 219 34.75 53.12 -83.96
CA ALA E 219 35.67 53.50 -85.03
C ALA E 219 35.42 52.65 -86.28
N ALA E 220 34.94 51.43 -86.08
CA ALA E 220 34.57 50.56 -87.20
C ALA E 220 33.26 51.06 -87.81
N ASN E 221 32.45 51.69 -86.98
CA ASN E 221 31.22 52.33 -87.44
C ASN E 221 31.61 53.54 -88.29
N ASP E 222 32.67 54.24 -87.88
CA ASP E 222 33.18 55.41 -88.58
C ASP E 222 33.70 55.13 -90.00
N ALA E 223 34.08 53.89 -90.26
CA ALA E 223 34.56 53.51 -91.60
C ALA E 223 33.56 53.78 -92.71
N LEU E 224 32.30 54.00 -92.37
CA LEU E 224 31.27 54.27 -93.37
C LEU E 224 31.03 55.79 -93.54
N ARG E 225 30.91 56.22 -94.79
CA ARG E 225 30.73 57.64 -95.12
C ARG E 225 29.49 58.22 -94.46
N GLU F 36 29.81 67.14 -36.38
CA GLU F 36 31.01 67.83 -36.85
C GLU F 36 32.35 67.04 -36.97
N PRO F 37 32.41 65.73 -36.63
CA PRO F 37 33.73 65.07 -36.68
C PRO F 37 34.38 65.06 -38.07
N GLN F 38 35.70 64.96 -38.10
CA GLN F 38 36.47 65.10 -39.33
C GLN F 38 37.80 64.36 -39.26
N THR F 39 37.98 63.48 -40.21
CA THR F 39 39.26 62.82 -40.48
C THR F 39 40.18 63.74 -41.31
N LEU F 40 41.27 64.20 -40.71
CA LEU F 40 42.24 65.03 -41.45
C LEU F 40 43.26 64.17 -42.19
N LEU F 41 43.39 62.92 -41.78
CA LEU F 41 44.40 62.03 -42.33
C LEU F 41 44.08 60.59 -42.00
N GLU F 42 44.26 59.75 -43.01
CA GLU F 42 44.06 58.32 -42.90
C GLU F 42 44.89 57.67 -43.99
N THR F 43 46.08 57.26 -43.61
CA THR F 43 47.08 56.79 -44.56
C THR F 43 48.06 55.85 -43.90
N THR F 44 48.96 55.31 -44.72
CA THR F 44 50.00 54.41 -44.24
C THR F 44 51.36 55.09 -44.41
N VAL F 45 52.30 54.79 -43.51
CA VAL F 45 53.62 55.39 -43.55
C VAL F 45 54.63 54.49 -42.82
N MET F 46 55.85 54.43 -43.34
CA MET F 46 56.90 53.62 -42.75
C MET F 46 57.37 54.24 -41.43
N VAL F 47 57.52 53.40 -40.41
CA VAL F 47 57.90 53.87 -39.08
C VAL F 47 58.94 52.95 -38.43
N SER F 48 59.96 53.55 -37.83
CA SER F 48 60.98 52.83 -37.09
C SER F 48 60.48 52.52 -35.69
N THR F 49 60.17 51.25 -35.43
CA THR F 49 59.53 50.89 -34.17
C THR F 49 60.52 50.12 -33.32
N LYS F 50 60.50 50.33 -32.02
CA LYS F 50 61.55 49.80 -31.19
C LYS F 50 60.90 49.29 -29.93
N MET F 51 61.14 48.01 -29.65
CA MET F 51 60.69 47.37 -28.43
C MET F 51 61.90 46.98 -27.60
N PRO F 52 62.40 47.91 -26.77
CA PRO F 52 63.61 47.72 -25.96
C PRO F 52 63.60 46.46 -25.11
N PRO F 53 64.73 45.73 -25.07
CA PRO F 53 66.02 46.14 -25.63
C PRO F 53 66.25 45.72 -27.09
N HIS F 54 65.25 45.08 -27.70
CA HIS F 54 65.38 44.62 -29.09
C HIS F 54 65.75 45.72 -30.08
N GLU F 55 66.26 45.31 -31.22
CA GLU F 55 66.62 46.21 -32.31
C GLU F 55 65.36 46.75 -33.00
N PRO F 56 65.35 48.04 -33.35
CA PRO F 56 64.24 48.66 -34.09
C PRO F 56 63.99 48.00 -35.45
N GLN F 57 62.77 48.11 -35.97
CA GLN F 57 62.52 47.70 -37.34
C GLN F 57 61.53 48.57 -38.08
N VAL F 58 61.84 48.87 -39.34
CA VAL F 58 60.96 49.66 -40.16
C VAL F 58 59.80 48.78 -40.61
N ARG F 59 58.59 49.24 -40.36
CA ARG F 59 57.40 48.50 -40.72
C ARG F 59 56.36 49.42 -41.31
N PRO F 60 55.46 48.90 -42.15
CA PRO F 60 54.41 49.84 -42.51
C PRO F 60 53.33 49.97 -41.44
N LEU F 61 52.99 51.21 -41.10
CA LEU F 61 51.99 51.48 -40.08
C LEU F 61 50.91 52.41 -40.58
N GLY F 62 49.72 52.21 -40.03
CA GLY F 62 48.60 53.09 -40.28
C GLY F 62 48.56 54.32 -39.41
N VAL F 63 48.19 55.46 -40.01
CA VAL F 63 48.10 56.69 -39.24
C VAL F 63 46.74 57.28 -39.59
N TYR F 64 45.97 57.56 -38.54
CA TYR F 64 44.64 58.05 -38.73
C TYR F 64 44.53 59.20 -37.74
N VAL F 65 44.07 60.35 -38.18
CA VAL F 65 43.93 61.49 -37.28
C VAL F 65 42.62 62.22 -37.46
N ARG F 66 41.85 62.32 -36.38
CA ARG F 66 40.47 62.75 -36.52
C ARG F 66 40.15 63.68 -35.37
N THR F 67 39.53 64.81 -35.70
CA THR F 67 39.01 65.72 -34.71
C THR F 67 37.50 65.58 -34.63
N GLY F 68 36.92 66.05 -33.54
CA GLY F 68 35.52 65.82 -33.29
C GLY F 68 35.13 66.16 -31.87
N ARG F 69 34.06 65.52 -31.40
CA ARG F 69 33.53 65.83 -30.09
C ARG F 69 33.56 64.59 -29.22
N GLY F 70 33.93 64.77 -27.96
CA GLY F 70 33.95 63.67 -27.01
C GLY F 70 34.09 64.12 -25.57
N GLY F 71 34.63 63.24 -24.75
CA GLY F 71 34.87 63.51 -23.35
C GLY F 71 33.70 63.04 -22.50
N PRO F 72 33.79 63.22 -21.17
CA PRO F 72 32.76 62.78 -20.22
C PRO F 72 31.34 63.11 -20.67
N ASN F 73 31.08 64.38 -20.95
CA ASN F 73 29.74 64.82 -21.31
C ASN F 73 29.53 65.05 -22.81
N GLY F 74 30.48 64.59 -23.61
CA GLY F 74 30.35 64.69 -25.06
C GLY F 74 30.18 66.08 -25.64
N VAL F 75 30.61 67.15 -24.97
CA VAL F 75 30.54 68.45 -25.64
C VAL F 75 31.88 69.19 -25.65
N THR F 76 32.95 68.50 -25.29
CA THR F 76 34.29 69.05 -25.44
C THR F 76 34.87 68.66 -26.81
N ARG F 77 35.46 69.61 -27.55
CA ARG F 77 36.23 69.23 -28.75
C ARG F 77 37.42 68.34 -28.42
N VAL F 78 37.58 67.26 -29.19
CA VAL F 78 38.73 66.38 -29.01
C VAL F 78 39.54 66.20 -30.28
N VAL F 79 40.84 65.95 -30.07
CA VAL F 79 41.74 65.43 -31.09
C VAL F 79 42.21 64.03 -30.78
N LEU F 80 42.06 63.16 -31.78
CA LEU F 80 42.49 61.79 -31.69
C LEU F 80 43.60 61.53 -32.70
N VAL F 81 44.65 60.86 -32.22
CA VAL F 81 45.74 60.42 -33.06
C VAL F 81 45.76 58.90 -32.91
N ARG F 82 45.69 58.20 -34.03
CA ARG F 82 45.61 56.75 -34.03
C ARG F 82 46.67 56.11 -34.90
N LEU F 83 47.32 55.11 -34.31
CA LEU F 83 48.40 54.39 -34.94
C LEU F 83 48.02 52.92 -35.01
N THR F 84 48.11 52.36 -36.20
CA THR F 84 47.64 51.01 -36.44
C THR F 84 48.68 50.28 -37.26
N ASP F 85 48.51 48.97 -37.35
CA ASP F 85 49.40 48.13 -38.13
C ASP F 85 48.64 47.14 -39.00
N PRO F 86 48.70 47.33 -40.33
CA PRO F 86 47.93 46.48 -41.24
C PRO F 86 48.29 44.99 -41.09
N THR F 87 49.50 44.69 -40.67
CA THR F 87 49.90 43.30 -40.47
C THR F 87 49.43 42.72 -39.13
N ASP F 88 48.79 43.56 -38.30
CA ASP F 88 48.39 43.17 -36.93
C ASP F 88 47.15 43.94 -36.48
N PRO F 89 45.97 43.30 -36.51
CA PRO F 89 44.74 44.04 -36.16
C PRO F 89 44.69 44.57 -34.73
N PHE F 90 45.42 43.92 -33.82
CA PHE F 90 45.48 44.30 -32.40
C PHE F 90 46.45 45.44 -32.06
N PHE F 91 47.31 45.78 -33.00
CA PHE F 91 48.23 46.91 -32.83
C PHE F 91 47.46 48.19 -33.02
N LEU F 92 47.02 48.72 -31.88
CA LEU F 92 46.09 49.84 -31.82
C LEU F 92 46.34 50.73 -30.61
N PHE F 93 46.89 51.90 -30.92
CA PHE F 93 47.42 52.85 -29.95
C PHE F 93 46.80 54.16 -30.35
N GLU F 94 46.47 54.93 -29.33
CA GLU F 94 45.69 56.13 -29.50
C GLU F 94 46.18 57.22 -28.57
N LEU F 95 46.07 58.44 -29.07
CA LEU F 95 46.17 59.58 -28.21
C LEU F 95 44.86 60.30 -28.35
N GLU F 96 44.20 60.47 -27.21
CA GLU F 96 42.99 61.26 -27.12
C GLU F 96 43.35 62.46 -26.29
N LEU F 97 43.06 63.61 -26.87
CA LEU F 97 43.40 64.88 -26.28
C LEU F 97 42.13 65.69 -26.13
N LEU F 98 41.84 66.15 -24.91
CA LEU F 98 40.62 66.91 -24.69
C LEU F 98 41.02 68.38 -24.83
N GLU F 99 40.15 69.21 -25.38
CA GLU F 99 40.50 70.61 -25.60
C GLU F 99 40.92 71.39 -24.35
N ASP F 100 40.32 71.02 -23.24
CA ASP F 100 40.64 71.63 -21.92
C ASP F 100 42.06 71.39 -21.41
N ASP F 101 42.57 70.22 -21.73
CA ASP F 101 43.88 69.79 -21.30
C ASP F 101 45.04 70.42 -22.13
N TYR F 102 44.65 71.16 -23.16
CA TYR F 102 45.57 71.58 -24.21
C TYR F 102 46.61 72.61 -23.85
N ASN F 103 46.22 73.59 -23.04
CA ASN F 103 47.15 74.64 -22.64
C ASN F 103 48.40 74.05 -21.99
N ALA F 104 48.20 73.00 -21.20
CA ALA F 104 49.30 72.29 -20.53
C ALA F 104 50.12 71.59 -21.61
N PHE F 105 49.40 70.97 -22.54
CA PHE F 105 49.94 70.26 -23.69
C PHE F 105 50.83 71.25 -24.45
N LYS F 106 50.29 72.44 -24.69
CA LYS F 106 51.00 73.47 -25.44
C LYS F 106 52.30 73.85 -24.72
N GLN F 107 52.24 73.93 -23.39
CA GLN F 107 53.42 74.24 -22.58
C GLN F 107 54.45 73.14 -22.54
N HIS F 108 54.00 71.92 -22.31
CA HIS F 108 54.89 70.77 -22.18
C HIS F 108 55.64 70.54 -23.50
N LEU F 109 54.95 70.76 -24.62
CA LEU F 109 55.56 70.48 -25.90
C LEU F 109 56.07 71.75 -26.60
N GLU F 110 55.88 72.90 -25.96
CA GLU F 110 56.27 74.19 -26.53
C GLU F 110 55.65 74.48 -27.90
N LEU F 111 54.36 74.23 -28.02
CA LEU F 111 53.61 74.48 -29.26
C LEU F 111 53.27 75.97 -29.44
N LEU F 112 53.07 76.40 -30.68
CA LEU F 112 52.82 77.82 -30.97
C LEU F 112 51.55 78.06 -31.79
N VAL F 113 50.66 77.08 -31.81
CA VAL F 113 49.36 77.21 -32.45
C VAL F 113 48.25 76.88 -31.46
N ASP F 114 47.02 77.26 -31.79
CA ASP F 114 45.90 76.99 -30.93
C ASP F 114 45.38 75.57 -31.13
N PHE F 115 44.34 75.19 -30.39
CA PHE F 115 43.83 73.83 -30.41
C PHE F 115 43.38 73.44 -31.82
N HIS F 116 42.82 74.38 -32.57
CA HIS F 116 42.33 74.07 -33.90
C HIS F 116 43.47 73.77 -34.86
N GLY F 117 44.57 74.52 -34.73
CA GLY F 117 45.70 74.29 -35.58
C GLY F 117 46.58 73.09 -35.25
N PHE F 118 46.57 72.64 -33.99
CA PHE F 118 47.53 71.60 -33.59
C PHE F 118 47.35 70.35 -34.47
N PRO F 119 46.13 69.79 -34.55
CA PRO F 119 46.03 68.62 -35.42
C PRO F 119 46.22 68.96 -36.90
N ARG F 120 46.02 70.24 -37.25
CA ARG F 120 46.13 70.65 -38.64
C ARG F 120 47.61 70.67 -39.03
N TYR F 121 48.46 71.20 -38.14
CA TYR F 121 49.90 71.15 -38.37
C TYR F 121 50.46 69.75 -38.17
N LEU F 122 49.93 69.00 -37.21
CA LEU F 122 50.42 67.63 -36.99
C LEU F 122 50.20 66.85 -38.28
N VAL F 123 49.01 66.99 -38.88
CA VAL F 123 48.70 66.20 -40.05
C VAL F 123 49.50 66.73 -41.23
N GLY F 124 49.72 68.04 -41.25
CA GLY F 124 50.62 68.67 -42.21
C GLY F 124 51.98 68.00 -42.25
N MET F 125 52.55 67.84 -41.05
CA MET F 125 53.86 67.25 -40.83
C MET F 125 53.89 65.78 -41.25
N LEU F 126 52.90 65.00 -40.78
CA LEU F 126 52.90 63.58 -41.05
C LEU F 126 52.65 63.20 -42.50
N ARG F 127 51.71 63.90 -43.09
CA ARG F 127 51.31 63.71 -44.44
C ARG F 127 52.46 64.12 -45.40
N ASP F 128 53.19 65.16 -45.01
CA ASP F 128 54.39 65.53 -45.71
C ASP F 128 55.38 64.32 -45.81
N ILE F 129 55.50 63.55 -44.72
CA ILE F 129 56.35 62.35 -44.66
C ILE F 129 55.85 61.17 -45.49
N ALA F 130 54.56 60.87 -45.36
CA ALA F 130 53.91 59.79 -46.08
C ALA F 130 53.90 60.00 -47.60
N ASP F 131 53.77 61.26 -47.98
CA ASP F 131 53.77 61.67 -49.38
C ASP F 131 55.16 61.65 -49.99
N GLY F 132 56.19 61.57 -49.15
CA GLY F 132 57.55 61.61 -49.63
C GLY F 132 58.19 62.96 -49.84
N ALA F 133 57.52 64.03 -49.44
CA ALA F 133 58.10 65.35 -49.62
C ALA F 133 58.97 65.79 -48.44
N SER F 134 59.08 64.95 -47.41
CA SER F 134 59.76 65.38 -46.19
C SER F 134 61.11 64.69 -46.02
N ALA F 135 62.05 65.44 -45.44
CA ALA F 135 63.33 64.92 -44.95
C ALA F 135 63.18 64.20 -43.61
N TYR F 136 62.04 64.37 -42.95
CA TYR F 136 61.88 63.84 -41.60
C TYR F 136 61.47 62.38 -41.57
N GLU F 137 61.72 61.76 -40.42
CA GLU F 137 61.28 60.40 -40.17
C GLU F 137 60.39 60.18 -38.96
N LEU F 138 59.64 59.07 -39.01
CA LEU F 138 58.75 58.65 -37.93
C LEU F 138 59.36 57.52 -37.10
N SER F 139 59.26 57.63 -35.78
CA SER F 139 59.75 56.61 -34.85
C SER F 139 58.71 56.28 -33.79
N PHE F 140 58.62 55.01 -33.41
CA PHE F 140 57.68 54.63 -32.36
C PHE F 140 58.30 53.68 -31.35
N VAL F 141 58.49 54.15 -30.11
CA VAL F 141 59.12 53.32 -29.10
C VAL F 141 58.21 52.83 -27.98
N LEU F 142 58.01 51.51 -27.90
CA LEU F 142 57.22 50.90 -26.85
C LEU F 142 57.94 50.82 -25.50
N ASN F 143 57.16 50.75 -24.43
CA ASN F 143 57.69 50.65 -23.08
C ASN F 143 58.05 49.22 -22.68
N SER F 144 58.00 48.28 -23.62
CA SER F 144 58.52 46.93 -23.37
C SER F 144 58.94 46.22 -24.67
N ALA F 145 59.37 44.96 -24.52
CA ALA F 145 59.97 44.21 -25.62
C ALA F 145 58.94 43.55 -26.55
N ALA F 146 57.71 43.44 -26.06
CA ALA F 146 56.61 42.91 -26.86
C ALA F 146 55.38 43.82 -26.80
N VAL F 147 54.55 43.76 -27.83
CA VAL F 147 53.31 44.56 -27.91
C VAL F 147 52.34 44.12 -26.81
N GLY F 148 52.29 42.82 -26.56
CA GLY F 148 51.45 42.24 -25.54
C GLY F 148 51.77 42.68 -24.12
N ASP F 149 53.04 43.04 -23.89
CA ASP F 149 53.48 43.48 -22.58
C ASP F 149 53.50 44.99 -22.46
N SER F 150 53.38 45.69 -23.59
CA SER F 150 53.34 47.14 -23.54
C SER F 150 51.95 47.70 -23.20
N ASN F 151 51.94 48.92 -22.66
CA ASN F 151 50.72 49.70 -22.51
C ASN F 151 50.81 51.10 -23.10
N ARG F 152 51.91 51.39 -23.78
CA ARG F 152 52.14 52.71 -24.34
C ARG F 152 53.34 52.75 -25.27
N GLY F 153 53.43 53.82 -26.03
CA GLY F 153 54.52 54.00 -26.97
C GLY F 153 54.75 55.47 -27.20
N THR F 154 55.95 55.85 -27.61
CA THR F 154 56.24 57.25 -27.87
C THR F 154 56.46 57.42 -29.36
N LEU F 155 55.65 58.25 -29.99
CA LEU F 155 55.75 58.52 -31.41
C LEU F 155 56.50 59.82 -31.63
N ARG F 156 57.58 59.77 -32.40
CA ARG F 156 58.41 60.96 -32.57
C ARG F 156 58.65 61.27 -34.04
N VAL F 157 58.66 62.56 -34.35
CA VAL F 157 59.13 63.05 -35.63
C VAL F 157 60.55 63.55 -35.49
N LEU F 158 61.46 62.86 -36.17
CA LEU F 158 62.88 63.04 -35.99
C LEU F 158 63.52 63.56 -37.27
N GLU F 159 64.44 64.50 -37.11
CA GLU F 159 65.25 64.99 -38.21
C GLU F 159 66.66 64.48 -38.02
N THR F 160 67.20 63.83 -39.05
CA THR F 160 68.61 63.46 -39.04
C THR F 160 69.42 64.58 -39.66
N THR F 161 70.44 65.02 -38.92
CA THR F 161 71.42 65.97 -39.43
C THR F 161 72.80 65.36 -39.34
N ASP F 162 73.78 66.06 -39.90
CA ASP F 162 75.13 65.57 -39.81
C ASP F 162 75.54 65.55 -38.34
N PHE F 163 75.14 66.59 -37.61
CA PHE F 163 75.49 66.71 -36.20
C PHE F 163 74.76 65.69 -35.29
N LYS F 164 73.45 65.56 -35.49
CA LYS F 164 72.63 64.80 -34.53
C LYS F 164 71.18 64.56 -34.99
N THR F 165 70.50 63.63 -34.33
CA THR F 165 69.05 63.55 -34.45
C THR F 165 68.39 64.73 -33.71
N VAL F 166 67.49 65.44 -34.38
CA VAL F 166 66.76 66.54 -33.75
C VAL F 166 65.28 66.22 -33.59
N GLU F 167 64.77 66.27 -32.36
CA GLU F 167 63.39 65.88 -32.14
C GLU F 167 62.47 67.06 -32.42
N HIS F 168 61.53 66.85 -33.33
CA HIS F 168 60.51 67.82 -33.69
C HIS F 168 59.20 67.75 -32.92
N ILE F 169 58.72 66.55 -32.63
CA ILE F 169 57.56 66.44 -31.78
C ILE F 169 57.45 65.08 -31.10
N SER F 170 56.77 65.06 -29.96
CA SER F 170 56.61 63.84 -29.20
C SER F 170 55.21 63.75 -28.66
N LEU F 171 54.63 62.57 -28.81
CA LEU F 171 53.27 62.28 -28.45
C LEU F 171 53.26 60.90 -27.83
N VAL F 172 52.67 60.79 -26.65
CA VAL F 172 52.54 59.48 -26.04
C VAL F 172 51.22 58.87 -26.46
N LEU F 173 51.25 57.60 -26.89
CA LEU F 173 50.02 56.96 -27.32
C LEU F 173 49.78 55.76 -26.43
N LEU F 174 48.56 55.61 -25.95
CA LEU F 174 48.23 54.50 -25.06
C LEU F 174 47.69 53.27 -25.80
N ARG F 175 48.12 52.08 -25.40
CA ARG F 175 47.55 50.88 -25.99
C ARG F 175 46.10 50.82 -25.53
N GLN F 176 45.19 50.40 -26.39
CA GLN F 176 43.77 50.40 -26.02
C GLN F 176 43.32 49.20 -25.21
N GLY F 177 42.27 49.43 -24.41
CA GLY F 177 41.60 48.37 -23.70
C GLY F 177 40.70 47.62 -24.65
N ASP F 178 40.41 46.37 -24.30
CA ASP F 178 39.74 45.43 -25.18
C ASP F 178 38.41 45.95 -25.71
N ALA F 179 37.56 46.44 -24.81
CA ALA F 179 36.24 46.94 -25.20
C ALA F 179 36.39 48.05 -26.24
N GLY F 180 37.32 48.96 -26.01
CA GLY F 180 37.64 49.99 -26.98
C GLY F 180 38.09 49.34 -28.27
N LEU F 181 38.99 48.36 -28.15
CA LEU F 181 39.51 47.63 -29.30
C LEU F 181 38.46 46.84 -30.08
N LYS F 182 37.57 46.15 -29.37
CA LYS F 182 36.52 45.37 -30.03
C LYS F 182 35.74 46.28 -30.97
N ARG F 183 35.45 47.48 -30.47
CA ARG F 183 34.76 48.51 -31.23
C ARG F 183 35.53 48.88 -32.50
N TYR F 184 36.84 49.08 -32.36
CA TYR F 184 37.68 49.41 -33.51
C TYR F 184 37.49 48.41 -34.63
N LEU F 185 37.59 47.14 -34.26
CA LEU F 185 37.46 46.06 -35.21
C LEU F 185 36.04 46.06 -35.78
N ALA F 186 35.05 46.04 -34.89
CA ALA F 186 33.64 46.05 -35.27
C ALA F 186 33.31 47.18 -36.24
N GLU F 187 33.90 48.35 -36.01
CA GLU F 187 33.69 49.51 -36.87
C GLU F 187 34.19 49.24 -38.29
N ARG F 188 35.46 48.85 -38.35
CA ARG F 188 36.14 48.56 -39.60
C ARG F 188 35.54 47.36 -40.32
N PHE F 189 35.04 46.40 -39.54
CA PHE F 189 34.29 45.28 -40.09
C PHE F 189 33.11 45.76 -40.93
N GLN F 190 32.21 46.48 -40.29
CA GLN F 190 30.98 46.91 -40.94
C GLN F 190 31.29 47.86 -42.10
N HIS F 191 32.34 48.65 -41.94
CA HIS F 191 32.74 49.60 -42.98
C HIS F 191 32.96 48.89 -44.31
N TYR F 192 33.92 47.97 -44.33
CA TYR F 192 34.31 47.35 -45.57
C TYR F 192 33.24 46.38 -46.09
N GLU F 193 32.36 45.89 -45.22
CA GLU F 193 31.26 45.08 -45.70
C GLU F 193 30.41 45.91 -46.63
N GLN F 194 30.11 47.12 -46.19
CA GLN F 194 29.34 48.07 -46.99
C GLN F 194 30.09 48.40 -48.27
N SER F 195 31.39 48.69 -48.13
CA SER F 195 32.22 49.08 -49.26
C SER F 195 32.27 48.00 -50.33
N PHE F 196 32.22 46.75 -49.91
CA PHE F 196 32.18 45.63 -50.84
C PHE F 196 30.85 45.61 -51.58
N ARG F 197 29.76 45.69 -50.82
CA ARG F 197 28.42 45.68 -51.38
C ARG F 197 28.26 46.78 -52.43
N ALA F 198 28.77 47.96 -52.09
CA ALA F 198 28.73 49.11 -52.98
C ALA F 198 29.51 48.89 -54.25
N SER F 199 30.65 48.20 -54.13
CA SER F 199 31.49 47.92 -55.29
C SER F 199 30.91 46.85 -56.20
N GLU F 200 30.09 45.98 -55.63
CA GLU F 200 29.30 45.05 -56.44
C GLU F 200 28.21 45.80 -57.20
N ALA F 201 27.61 46.77 -56.53
CA ALA F 201 26.58 47.60 -57.13
C ALA F 201 27.14 48.45 -58.25
N SER F 202 28.31 49.04 -58.00
CA SER F 202 28.98 49.87 -59.00
C SER F 202 29.40 49.06 -60.23
N ARG F 203 29.95 47.87 -60.00
CA ARG F 203 30.35 46.99 -61.09
C ARG F 203 29.12 46.60 -61.91
N ALA F 204 28.03 46.30 -61.23
CA ALA F 204 26.79 45.90 -61.88
C ALA F 204 26.21 47.02 -62.75
N VAL F 205 26.34 48.26 -62.28
CA VAL F 205 25.87 49.41 -63.03
C VAL F 205 26.70 49.63 -64.29
N ILE F 206 28.03 49.60 -64.15
CA ILE F 206 28.91 49.91 -65.28
C ILE F 206 28.92 48.79 -66.31
N THR F 207 28.83 47.55 -65.83
CA THR F 207 28.72 46.42 -66.76
C THR F 207 27.44 46.59 -67.56
N ALA F 208 26.40 47.12 -66.93
CA ALA F 208 25.11 47.20 -67.58
C ALA F 208 25.05 48.35 -68.58
N GLU F 209 25.58 49.51 -68.21
CA GLU F 209 25.63 50.63 -69.15
C GLU F 209 26.49 50.29 -70.36
N LEU F 210 27.69 49.78 -70.11
CA LEU F 210 28.66 49.57 -71.18
C LEU F 210 28.35 48.36 -72.05
N GLN F 211 27.74 47.33 -71.48
CA GLN F 211 27.37 46.15 -72.28
C GLN F 211 26.15 46.44 -73.13
N GLU F 212 25.24 47.25 -72.61
CA GLU F 212 24.06 47.66 -73.35
C GLU F 212 24.49 48.63 -74.43
N LYS F 213 25.55 49.38 -74.14
CA LYS F 213 26.08 50.35 -75.10
C LYS F 213 26.80 49.62 -76.25
N ILE F 214 27.45 48.50 -75.95
CA ILE F 214 28.13 47.69 -76.98
C ILE F 214 27.12 47.08 -77.94
N GLY F 215 26.03 46.57 -77.37
CA GLY F 215 24.98 45.98 -78.16
C GLY F 215 24.41 47.00 -79.12
N ASP F 216 24.40 48.26 -78.71
CA ASP F 216 23.97 49.33 -79.60
C ASP F 216 24.94 49.55 -80.77
N LEU F 217 26.22 49.81 -80.48
CA LEU F 217 27.17 50.06 -81.58
C LEU F 217 27.50 48.82 -82.39
N GLN F 218 27.31 47.63 -81.82
CA GLN F 218 27.49 46.41 -82.60
C GLN F 218 26.32 46.11 -83.53
N ALA F 219 25.10 46.36 -83.07
CA ALA F 219 23.92 46.18 -83.90
C ALA F 219 23.80 47.31 -84.91
N ALA F 220 24.35 48.46 -84.55
CA ALA F 220 24.40 49.59 -85.46
C ALA F 220 25.42 49.33 -86.55
N ASN F 221 26.42 48.53 -86.19
CA ASN F 221 27.43 48.08 -87.14
C ASN F 221 26.79 47.12 -88.16
N ASP F 222 25.85 46.30 -87.70
CA ASP F 222 25.16 45.33 -88.55
C ASP F 222 24.30 45.93 -89.68
N ALA F 223 23.76 47.13 -89.46
CA ALA F 223 22.98 47.81 -90.50
C ALA F 223 23.85 48.09 -91.71
N LEU F 224 25.16 47.95 -91.54
CA LEU F 224 26.13 48.20 -92.58
C LEU F 224 26.49 46.90 -93.30
#